data_7XXK
#
_entry.id   7XXK
#
_cell.length_a   43.783
_cell.length_b   116.992
_cell.length_c   127.039
_cell.angle_alpha   90.000
_cell.angle_beta   90.000
_cell.angle_gamma   90.000
#
_symmetry.space_group_name_H-M   'P 21 21 21'
#
loop_
_entity.id
_entity.type
_entity.pdbx_description
1 polymer Nucleoprotein
2 non-polymer 'THIOCYANATE ION'
3 non-polymer "GUANOSINE-5'-MONOPHOSPHATE"
4 non-polymer 'POTASSIUM ION'
5 non-polymer 'CHLORIDE ION'
6 non-polymer GUANINE
7 non-polymer 'SODIUM ION'
8 non-polymer GUANOSINE
9 water water
#
_entity_poly.entity_id   1
_entity_poly.type   'polypeptide(L)'
_entity_poly.pdbx_seq_one_letter_code
;GASKKSAAEASKKPRQKRTATKAYNVTQAFGRRGPEQTQGNFGDQELIRQGTDYKHWPQIAQFAPSASAFFGMSRIGMEV
TPSGTWLTYTGAIKLDDKDPNFKDQVILLNKHIDAYKTFP
;
_entity_poly.pdbx_strand_id   A,B,C,D,E,F
#
loop_
_chem_comp.id
_chem_comp.type
_chem_comp.name
_chem_comp.formula
5GP non-polymer GUANOSINE-5'-MONOPHOSPHATE 'C10 H14 N5 O8 P'
CL non-polymer 'CHLORIDE ION' 'Cl -1'
GMP non-polymer GUANOSINE 'C10 H13 N5 O5'
GUN non-polymer GUANINE 'C5 H5 N5 O'
K non-polymer 'POTASSIUM ION' 'K 1'
NA non-polymer 'SODIUM ION' 'Na 1'
SCN non-polymer 'THIOCYANATE ION' 'C N S -1'
#
# COMPACT_ATOMS: atom_id res chain seq x y z
N LYS A 12 -2.46 -3.24 -10.96
CA LYS A 12 -2.70 -1.90 -10.42
C LYS A 12 -2.29 -0.79 -11.38
N LYS A 13 -3.07 0.31 -11.37
CA LYS A 13 -2.86 1.48 -12.22
C LYS A 13 -1.46 2.07 -12.02
N PRO A 14 -0.93 2.84 -13.00
CA PRO A 14 0.36 3.52 -12.77
C PRO A 14 0.25 4.41 -11.52
N ARG A 15 1.33 4.52 -10.72
CA ARG A 15 1.31 5.29 -9.46
C ARG A 15 0.54 6.62 -9.51
N GLN A 16 0.85 7.49 -10.49
CA GLN A 16 0.21 8.81 -10.61
C GLN A 16 -1.32 8.76 -10.78
N LYS A 17 -1.88 7.62 -11.21
CA LYS A 17 -3.34 7.49 -11.35
C LYS A 17 -4.02 6.76 -10.18
N ARG A 18 -3.27 6.36 -9.16
CA ARG A 18 -3.83 5.69 -8.00
C ARG A 18 -4.65 6.66 -7.16
N THR A 19 -5.70 6.13 -6.54
CA THR A 19 -6.55 6.89 -5.64
C THR A 19 -6.54 6.15 -4.35
N ALA A 20 -5.91 6.72 -3.32
CA ALA A 20 -5.84 6.05 -2.02
C ALA A 20 -7.20 6.13 -1.32
N THR A 21 -7.56 5.04 -0.62
CA THR A 21 -8.81 4.91 0.17
C THR A 21 -8.44 3.99 1.38
N LYS A 22 -9.39 3.69 2.30
CA LYS A 22 -9.10 2.78 3.41
C LYS A 22 -8.64 1.39 2.92
N ALA A 23 -9.21 0.91 1.80
CA ALA A 23 -8.90 -0.41 1.23
C ALA A 23 -7.56 -0.52 0.47
N TYR A 24 -6.91 0.62 0.20
CA TYR A 24 -5.62 0.69 -0.53
C TYR A 24 -5.15 2.08 -0.17
N ASN A 25 -4.53 2.21 1.01
CA ASN A 25 -4.23 3.48 1.66
C ASN A 25 -2.99 4.23 1.10
N VAL A 26 -2.68 5.43 1.66
CA VAL A 26 -1.60 6.30 1.19
C VAL A 26 -0.23 5.61 1.13
N THR A 27 0.15 4.80 2.15
CA THR A 27 1.46 4.16 2.11
C THR A 27 1.46 2.94 1.18
N GLN A 28 0.31 2.30 0.95
CA GLN A 28 0.23 1.19 0.01
C GLN A 28 0.38 1.72 -1.43
N ALA A 29 -0.27 2.85 -1.72
CA ALA A 29 -0.25 3.39 -3.08
C ALA A 29 0.97 4.25 -3.38
N PHE A 30 1.46 5.01 -2.40
CA PHE A 30 2.48 6.03 -2.60
C PHE A 30 3.71 5.96 -1.68
N GLY A 31 3.84 4.88 -0.94
CA GLY A 31 5.00 4.68 -0.08
C GLY A 31 4.91 5.37 1.26
N ARG A 32 5.86 5.07 2.14
CA ARG A 32 5.89 5.67 3.46
C ARG A 32 6.29 7.17 3.40
N ARG A 33 5.86 7.94 4.40
CA ARG A 33 6.20 9.35 4.47
C ARG A 33 7.64 9.50 4.93
N GLY A 34 8.32 10.53 4.45
CA GLY A 34 9.70 10.75 4.84
C GLY A 34 10.30 12.02 4.26
N PRO A 35 11.59 12.24 4.56
CA PRO A 35 12.26 13.46 4.08
C PRO A 35 12.99 13.37 2.74
N GLU A 36 13.11 12.17 2.15
CA GLU A 36 13.85 12.03 0.89
C GLU A 36 13.10 12.57 -0.34
N GLN A 37 13.86 12.96 -1.40
CA GLN A 37 13.31 13.56 -2.62
C GLN A 37 12.21 12.73 -3.31
N THR A 38 12.29 11.39 -3.33
CA THR A 38 11.23 10.57 -3.94
C THR A 38 10.17 10.10 -2.93
N GLN A 39 10.21 10.61 -1.69
CA GLN A 39 9.20 10.29 -0.71
C GLN A 39 8.18 11.41 -0.57
N GLY A 40 6.95 11.05 -0.28
CA GLY A 40 5.93 12.04 0.02
C GLY A 40 6.08 12.45 1.49
N ASN A 41 5.78 13.72 1.83
CA ASN A 41 5.84 14.14 3.24
C ASN A 41 4.48 14.49 3.84
N PHE A 42 3.40 14.34 3.05
CA PHE A 42 2.09 14.80 3.45
C PHE A 42 1.19 13.72 3.96
N GLY A 43 0.59 14.01 5.10
CA GLY A 43 -0.44 13.16 5.67
C GLY A 43 -0.16 12.71 7.07
N ASP A 44 -1.13 12.99 7.98
CA ASP A 44 -1.07 12.51 9.34
C ASP A 44 -1.57 11.04 9.38
N GLN A 45 -1.66 10.41 10.57
CA GLN A 45 -2.04 8.99 10.64
C GLN A 45 -3.44 8.73 10.10
N GLU A 46 -4.39 9.65 10.33
CA GLU A 46 -5.76 9.50 9.87
C GLU A 46 -5.83 9.55 8.34
N LEU A 47 -5.24 10.59 7.71
CA LEU A 47 -5.25 10.69 6.24
C LEU A 47 -4.49 9.53 5.59
N ILE A 48 -3.34 9.13 6.14
CA ILE A 48 -2.58 7.99 5.57
C ILE A 48 -3.45 6.71 5.51
N ARG A 49 -4.19 6.45 6.57
CA ARG A 49 -5.03 5.26 6.70
C ARG A 49 -6.32 5.31 5.87
N GLN A 50 -6.92 6.51 5.72
CA GLN A 50 -8.20 6.68 5.02
C GLN A 50 -8.12 7.15 3.57
N GLY A 51 -7.07 7.87 3.19
CA GLY A 51 -6.95 8.39 1.82
C GLY A 51 -8.10 9.32 1.46
N THR A 52 -8.75 9.09 0.33
CA THR A 52 -9.89 9.92 -0.10
C THR A 52 -11.16 9.66 0.72
N ASP A 53 -11.17 8.65 1.60
CA ASP A 53 -12.27 8.41 2.53
C ASP A 53 -12.16 9.38 3.73
N TYR A 54 -11.03 10.09 3.88
CA TYR A 54 -10.79 11.04 4.96
C TYR A 54 -11.83 12.13 4.90
N LYS A 55 -12.46 12.43 6.03
CA LYS A 55 -13.54 13.39 6.13
C LYS A 55 -13.23 14.74 5.50
N HIS A 56 -12.03 15.30 5.74
CA HIS A 56 -11.69 16.61 5.17
C HIS A 56 -10.93 16.53 3.85
N TRP A 57 -10.93 15.34 3.18
CA TRP A 57 -10.26 15.17 1.90
C TRP A 57 -10.65 16.22 0.85
N PRO A 58 -11.95 16.55 0.66
CA PRO A 58 -12.29 17.57 -0.34
C PRO A 58 -11.62 18.93 -0.07
N GLN A 59 -11.38 19.32 1.19
CA GLN A 59 -10.71 20.59 1.52
C GLN A 59 -9.21 20.58 1.13
N ILE A 60 -8.62 19.42 0.96
CA ILE A 60 -7.23 19.28 0.53
C ILE A 60 -7.22 19.16 -1.01
N ALA A 61 -8.13 18.33 -1.57
CA ALA A 61 -8.19 18.08 -2.99
C ALA A 61 -8.43 19.36 -3.80
N GLN A 62 -9.15 20.36 -3.20
CA GLN A 62 -9.37 21.65 -3.89
C GLN A 62 -8.08 22.32 -4.34
N PHE A 63 -6.95 21.99 -3.70
CA PHE A 63 -5.64 22.57 -4.02
C PHE A 63 -4.80 21.76 -5.01
N ALA A 64 -5.22 20.54 -5.34
CA ALA A 64 -4.49 19.72 -6.31
C ALA A 64 -4.79 20.22 -7.74
N PRO A 65 -3.79 20.25 -8.62
CA PRO A 65 -4.03 20.78 -9.96
C PRO A 65 -4.70 19.81 -10.92
N SER A 66 -5.49 20.36 -11.84
CA SER A 66 -6.06 19.61 -12.96
C SER A 66 -4.88 19.16 -13.87
N ALA A 67 -5.12 18.24 -14.82
CA ALA A 67 -4.06 17.78 -15.73
C ALA A 67 -3.46 18.95 -16.52
N SER A 68 -4.33 19.84 -16.97
CA SER A 68 -3.94 21.01 -17.71
C SER A 68 -3.07 21.94 -16.85
N ALA A 69 -3.44 22.14 -15.59
CA ALA A 69 -2.68 23.00 -14.68
C ALA A 69 -1.40 22.38 -14.18
N PHE A 70 -1.35 21.05 -14.08
CA PHE A 70 -0.15 20.36 -13.65
C PHE A 70 0.92 20.58 -14.72
N PHE A 71 0.57 20.40 -16.01
CA PHE A 71 1.54 20.64 -17.09
C PHE A 71 1.69 22.12 -17.47
N GLY A 72 0.72 22.96 -17.14
CA GLY A 72 0.79 24.39 -17.45
C GLY A 72 1.52 25.22 -16.40
N MET A 73 1.36 24.89 -15.12
CA MET A 73 1.97 25.66 -14.04
C MET A 73 3.35 25.17 -13.65
N SER A 74 3.57 23.86 -13.72
CA SER A 74 4.81 23.26 -13.22
C SER A 74 6.04 23.42 -14.08
N ARG A 75 7.22 23.32 -13.42
CA ARG A 75 8.49 23.20 -14.09
C ARG A 75 8.65 21.66 -14.24
N ILE A 76 8.61 21.19 -15.46
CA ILE A 76 8.72 19.77 -15.78
C ILE A 76 10.14 19.45 -16.25
N GLY A 77 10.61 18.28 -15.86
CA GLY A 77 11.91 17.79 -16.30
C GLY A 77 11.89 16.30 -16.56
N MET A 78 12.97 15.77 -17.13
CA MET A 78 13.07 14.32 -17.35
C MET A 78 14.43 13.92 -16.83
N GLU A 79 14.48 13.06 -15.83
CA GLU A 79 15.75 12.60 -15.29
C GLU A 79 15.88 11.09 -15.40
N VAL A 80 17.11 10.60 -15.46
CA VAL A 80 17.36 9.17 -15.50
C VAL A 80 18.21 8.78 -14.32
N THR A 81 17.77 7.76 -13.63
CA THR A 81 18.49 7.27 -12.45
C THR A 81 18.74 5.80 -12.64
N PRO A 82 19.46 5.12 -11.72
CA PRO A 82 19.64 3.66 -11.85
C PRO A 82 18.32 2.88 -11.87
N SER A 83 17.23 3.45 -11.32
CA SER A 83 15.93 2.77 -11.33
C SER A 83 15.08 3.04 -12.59
N GLY A 84 15.43 4.05 -13.38
CA GLY A 84 14.69 4.33 -14.60
C GLY A 84 14.57 5.79 -14.98
N THR A 85 13.56 6.11 -15.78
CA THR A 85 13.27 7.46 -16.26
C THR A 85 12.16 8.09 -15.40
N TRP A 86 12.39 9.30 -14.88
CA TRP A 86 11.43 9.97 -14.01
C TRP A 86 11.04 11.31 -14.61
N LEU A 87 9.76 11.64 -14.54
CA LEU A 87 9.22 12.92 -14.95
C LEU A 87 9.25 13.74 -13.66
N THR A 88 10.08 14.78 -13.59
CA THR A 88 10.16 15.58 -12.37
C THR A 88 9.26 16.81 -12.50
N TYR A 89 8.73 17.25 -11.37
CA TYR A 89 7.84 18.39 -11.36
C TYR A 89 8.04 19.24 -10.11
N THR A 90 7.93 20.56 -10.26
CA THR A 90 8.03 21.54 -9.17
CA THR A 90 8.04 21.52 -9.16
C THR A 90 7.14 22.73 -9.47
N GLY A 91 6.70 23.44 -8.45
CA GLY A 91 5.88 24.62 -8.64
C GLY A 91 5.34 25.20 -7.35
N ALA A 92 4.45 26.18 -7.45
CA ALA A 92 3.81 26.74 -6.26
C ALA A 92 2.42 27.23 -6.63
N ILE A 93 1.45 26.91 -5.80
CA ILE A 93 0.06 27.29 -6.01
C ILE A 93 -0.32 28.35 -4.98
N LYS A 94 -0.72 29.52 -5.45
CA LYS A 94 -1.04 30.62 -4.56
C LYS A 94 -2.40 30.41 -3.95
N LEU A 95 -2.48 30.38 -2.60
CA LEU A 95 -3.77 30.30 -1.96
C LEU A 95 -4.39 31.71 -2.01
N ASP A 96 -5.69 31.78 -1.82
CA ASP A 96 -6.35 33.07 -1.79
C ASP A 96 -6.48 33.41 -0.32
N ASP A 97 -5.67 34.37 0.19
CA ASP A 97 -5.78 34.75 1.61
C ASP A 97 -7.02 35.58 1.93
N LYS A 98 -7.89 35.81 0.96
CA LYS A 98 -9.16 36.49 1.13
C LYS A 98 -10.35 35.48 1.15
N ASP A 99 -10.08 34.17 0.87
CA ASP A 99 -11.06 33.09 0.91
C ASP A 99 -11.59 33.04 2.36
N PRO A 100 -12.91 32.99 2.55
CA PRO A 100 -13.47 32.95 3.93
C PRO A 100 -12.98 31.79 4.79
N ASN A 101 -12.55 30.69 4.15
CA ASN A 101 -12.01 29.53 4.87
C ASN A 101 -10.48 29.51 4.93
N PHE A 102 -9.81 30.61 4.52
CA PHE A 102 -8.35 30.67 4.51
C PHE A 102 -7.68 30.19 5.82
N LYS A 103 -8.21 30.60 6.98
CA LYS A 103 -7.59 30.21 8.25
C LYS A 103 -7.65 28.69 8.47
N ASP A 104 -8.78 28.05 8.19
CA ASP A 104 -8.95 26.60 8.32
C ASP A 104 -8.12 25.84 7.28
N GLN A 105 -8.00 26.37 6.06
CA GLN A 105 -7.21 25.72 4.99
C GLN A 105 -5.73 25.69 5.41
N VAL A 106 -5.23 26.79 6.00
CA VAL A 106 -3.83 26.83 6.45
C VAL A 106 -3.61 25.78 7.56
N ILE A 107 -4.52 25.74 8.53
CA ILE A 107 -4.43 24.78 9.63
C ILE A 107 -4.47 23.33 9.13
N LEU A 108 -5.38 23.05 8.20
CA LEU A 108 -5.50 21.69 7.65
C LEU A 108 -4.25 21.24 6.87
N LEU A 109 -3.70 22.13 6.02
CA LEU A 109 -2.51 21.80 5.25
C LEU A 109 -1.31 21.56 6.18
N ASN A 110 -1.06 22.49 7.11
CA ASN A 110 0.03 22.37 8.08
C ASN A 110 -0.11 21.12 8.92
N LYS A 111 -1.34 20.74 9.29
CA LYS A 111 -1.60 19.54 10.10
C LYS A 111 -1.03 18.30 9.43
N HIS A 112 -1.11 18.24 8.09
CA HIS A 112 -0.62 17.11 7.32
C HIS A 112 0.84 17.29 6.83
N ILE A 113 1.31 18.53 6.58
CA ILE A 113 2.69 18.75 6.11
C ILE A 113 3.70 18.24 7.16
N ASP A 114 4.53 17.22 6.81
CA ASP A 114 5.57 16.66 7.69
C ASP A 114 5.00 16.09 8.98
N ALA A 115 3.74 15.60 8.94
CA ALA A 115 3.09 15.05 10.13
C ALA A 115 3.82 13.83 10.70
N TYR A 116 4.45 13.01 9.81
CA TYR A 116 5.19 11.81 10.19
C TYR A 116 6.26 12.09 11.23
N LYS A 117 6.86 13.29 11.22
CA LYS A 117 7.92 13.64 12.15
C LYS A 117 7.50 13.60 13.63
N THR A 118 6.18 13.59 13.91
CA THR A 118 5.67 13.55 15.27
C THR A 118 4.71 12.36 15.48
N PHE A 119 4.84 11.27 14.70
CA PHE A 119 4.01 10.09 14.91
C PHE A 119 4.54 9.39 16.18
N PRO A 120 3.65 8.94 17.08
CA PRO A 120 4.14 8.29 18.32
C PRO A 120 4.39 6.80 18.14
N PRO B 14 -10.13 28.86 -9.23
CA PRO B 14 -8.69 29.04 -8.96
C PRO B 14 -7.82 28.52 -10.11
N ARG B 15 -6.65 29.13 -10.25
CA ARG B 15 -5.68 28.81 -11.29
C ARG B 15 -5.36 27.29 -11.42
N GLN B 16 -5.19 26.58 -10.31
CA GLN B 16 -4.87 25.15 -10.34
C GLN B 16 -5.99 24.26 -10.92
N LYS B 17 -7.25 24.76 -11.00
CA LYS B 17 -8.32 23.97 -11.59
C LYS B 17 -8.60 24.36 -13.06
N ARG B 18 -7.88 25.37 -13.61
CA ARG B 18 -8.10 25.79 -14.98
C ARG B 18 -7.77 24.71 -16.00
N THR B 19 -8.47 24.77 -17.14
CA THR B 19 -8.34 23.84 -18.25
C THR B 19 -7.97 24.70 -19.45
N ALA B 20 -6.76 24.51 -20.01
CA ALA B 20 -6.36 25.28 -21.16
C ALA B 20 -6.97 24.63 -22.41
N THR B 21 -7.46 25.45 -23.34
CA THR B 21 -8.07 25.02 -24.61
C THR B 21 -7.68 26.04 -25.73
N LYS B 22 -8.10 25.83 -27.00
CA LYS B 22 -7.83 26.80 -28.08
C LYS B 22 -8.38 28.18 -27.74
N ALA B 23 -9.54 28.24 -27.08
CA ALA B 23 -10.18 29.51 -26.69
C ALA B 23 -9.57 30.16 -25.43
N TYR B 24 -8.85 29.40 -24.60
CA TYR B 24 -8.26 29.93 -23.37
C TYR B 24 -6.95 29.18 -23.22
N ASN B 25 -5.93 29.61 -23.98
CA ASN B 25 -4.68 28.88 -24.16
C ASN B 25 -3.80 28.79 -22.89
N VAL B 26 -2.64 28.08 -23.01
CA VAL B 26 -1.71 27.84 -21.92
C VAL B 26 -1.14 29.14 -21.39
N THR B 27 -0.84 30.11 -22.27
CA THR B 27 -0.30 31.40 -21.83
C THR B 27 -1.35 32.20 -21.07
N GLN B 28 -2.58 32.26 -21.58
CA GLN B 28 -3.63 33.03 -20.91
C GLN B 28 -3.95 32.41 -19.55
N ALA B 29 -4.07 31.06 -19.49
CA ALA B 29 -4.43 30.41 -18.24
C ALA B 29 -3.28 30.29 -17.24
N PHE B 30 -2.07 29.97 -17.71
CA PHE B 30 -0.96 29.68 -16.80
C PHE B 30 0.29 30.55 -16.95
N GLY B 31 0.24 31.57 -17.79
CA GLY B 31 1.37 32.48 -17.95
C GLY B 31 2.34 32.03 -19.02
N ARG B 32 3.19 32.95 -19.47
CA ARG B 32 4.16 32.64 -20.50
CA ARG B 32 4.16 32.63 -20.51
C ARG B 32 5.20 31.63 -20.00
N ARG B 33 5.68 30.75 -20.89
CA ARG B 33 6.70 29.79 -20.48
C ARG B 33 8.00 30.53 -20.24
N GLY B 34 8.83 30.00 -19.36
CA GLY B 34 10.11 30.61 -19.06
C GLY B 34 10.93 29.80 -18.08
N PRO B 35 12.10 30.33 -17.73
CA PRO B 35 13.01 29.58 -16.86
C PRO B 35 12.91 29.79 -15.37
N GLU B 36 12.08 30.72 -14.88
CA GLU B 36 12.03 31.01 -13.44
C GLU B 36 11.32 29.91 -12.63
N GLN B 37 11.61 29.83 -11.32
CA GLN B 37 11.13 28.77 -10.42
C GLN B 37 9.64 28.48 -10.38
N THR B 38 8.77 29.49 -10.40
CA THR B 38 7.33 29.20 -10.39
C THR B 38 6.71 29.53 -11.75
N GLN B 39 7.53 29.53 -12.81
CA GLN B 39 7.10 29.78 -14.18
C GLN B 39 7.02 28.41 -14.86
N GLY B 40 5.93 28.12 -15.57
CA GLY B 40 5.82 26.85 -16.28
C GLY B 40 6.79 26.83 -17.45
N ASN B 41 7.46 25.71 -17.71
CA ASN B 41 8.39 25.61 -18.85
C ASN B 41 7.90 24.60 -19.93
N PHE B 42 6.68 24.07 -19.78
CA PHE B 42 6.22 22.98 -20.65
C PHE B 42 5.31 23.38 -21.78
N GLY B 43 5.64 22.91 -22.97
CA GLY B 43 4.83 23.11 -24.14
C GLY B 43 5.51 23.72 -25.34
N ASP B 44 5.35 23.08 -26.52
CA ASP B 44 5.85 23.68 -27.75
C ASP B 44 4.76 24.69 -28.20
N GLN B 45 4.98 25.45 -29.28
CA GLN B 45 4.00 26.44 -29.73
C GLN B 45 2.62 25.86 -29.98
N GLU B 46 2.57 24.62 -30.49
CA GLU B 46 1.29 23.97 -30.77
C GLU B 46 0.52 23.61 -29.48
N LEU B 47 1.19 23.06 -28.46
CA LEU B 47 0.54 22.75 -27.19
C LEU B 47 0.15 24.05 -26.46
N ILE B 48 0.99 25.09 -26.53
CA ILE B 48 0.67 26.37 -25.89
C ILE B 48 -0.60 26.97 -26.52
N ARG B 49 -0.71 26.88 -27.84
CA ARG B 49 -1.87 27.33 -28.62
C ARG B 49 -3.14 26.51 -28.35
N GLN B 50 -3.01 25.17 -28.25
CA GLN B 50 -4.15 24.25 -28.14
C GLN B 50 -4.60 23.82 -26.75
N GLY B 51 -3.67 23.71 -25.81
CA GLY B 51 -3.99 23.22 -24.47
C GLY B 51 -4.47 21.78 -24.53
N THR B 52 -5.61 21.49 -23.90
CA THR B 52 -6.22 20.16 -23.91
C THR B 52 -6.76 19.75 -25.30
N ASP B 53 -6.86 20.69 -26.24
CA ASP B 53 -7.28 20.35 -27.60
C ASP B 53 -6.11 19.78 -28.45
N TYR B 54 -4.87 19.82 -27.93
CA TYR B 54 -3.68 19.32 -28.61
C TYR B 54 -3.83 17.85 -29.04
N LYS B 55 -3.37 17.57 -30.27
CA LYS B 55 -3.46 16.25 -30.89
C LYS B 55 -2.96 15.09 -29.99
N HIS B 56 -1.92 15.33 -29.15
CA HIS B 56 -1.43 14.31 -28.24
C HIS B 56 -1.72 14.61 -26.77
N TRP B 57 -2.75 15.46 -26.48
CA TRP B 57 -3.07 15.77 -25.10
C TRP B 57 -3.36 14.49 -24.24
N PRO B 58 -4.13 13.47 -24.70
CA PRO B 58 -4.32 12.28 -23.86
C PRO B 58 -3.02 11.60 -23.42
N GLN B 59 -2.01 11.59 -24.30
CA GLN B 59 -0.72 10.97 -24.00
C GLN B 59 0.05 11.75 -22.92
N ILE B 60 -0.21 13.06 -22.81
CA ILE B 60 0.38 13.94 -21.80
C ILE B 60 -0.40 13.79 -20.49
N ALA B 61 -1.76 13.88 -20.54
CA ALA B 61 -2.62 13.77 -19.35
C ALA B 61 -2.49 12.41 -18.61
N GLN B 62 -1.97 11.39 -19.28
CA GLN B 62 -1.68 10.07 -18.72
C GLN B 62 -0.66 10.20 -17.55
N PHE B 63 0.22 11.23 -17.59
CA PHE B 63 1.19 11.48 -16.52
C PHE B 63 0.73 12.40 -15.43
N ALA B 64 -0.34 13.15 -15.64
CA ALA B 64 -0.83 14.09 -14.63
C ALA B 64 -1.42 13.33 -13.45
N PRO B 65 -1.04 13.69 -12.22
CA PRO B 65 -1.49 12.93 -11.07
C PRO B 65 -2.93 13.23 -10.67
N SER B 66 -3.59 12.23 -10.10
CA SER B 66 -4.92 12.40 -9.50
C SER B 66 -4.71 13.27 -8.25
N ALA B 67 -5.77 13.86 -7.67
CA ALA B 67 -5.62 14.67 -6.45
C ALA B 67 -4.92 13.87 -5.32
N SER B 68 -5.28 12.59 -5.19
CA SER B 68 -4.75 11.66 -4.19
C SER B 68 -3.23 11.39 -4.42
N ALA B 69 -2.82 11.15 -5.67
CA ALA B 69 -1.42 10.94 -5.98
C ALA B 69 -0.64 12.22 -5.86
N PHE B 70 -1.24 13.37 -6.20
CA PHE B 70 -0.56 14.66 -6.04
C PHE B 70 -0.14 14.87 -4.57
N PHE B 71 -1.10 14.69 -3.62
CA PHE B 71 -0.80 14.85 -2.20
C PHE B 71 -0.12 13.65 -1.56
N GLY B 72 -0.11 12.51 -2.23
CA GLY B 72 0.52 11.29 -1.74
C GLY B 72 1.96 11.13 -2.14
N MET B 73 2.31 11.60 -3.32
CA MET B 73 3.65 11.49 -3.87
C MET B 73 4.58 12.68 -3.61
N SER B 74 4.03 13.89 -3.61
CA SER B 74 4.81 15.12 -3.55
C SER B 74 5.32 15.52 -2.19
N ARG B 75 6.34 16.36 -2.23
CA ARG B 75 6.90 17.04 -1.07
C ARG B 75 6.14 18.37 -1.08
N ILE B 76 5.24 18.57 -0.10
CA ILE B 76 4.38 19.72 0.06
C ILE B 76 4.95 20.64 1.13
N GLY B 77 4.86 21.94 0.87
CA GLY B 77 5.30 22.98 1.80
C GLY B 77 4.41 24.19 1.71
N MET B 78 4.62 25.16 2.60
CA MET B 78 3.88 26.42 2.58
C MET B 78 4.87 27.56 2.76
N GLU B 79 4.76 28.57 1.92
CA GLU B 79 5.65 29.71 1.92
CA GLU B 79 5.65 29.72 1.98
C GLU B 79 4.84 30.99 2.00
N VAL B 80 5.08 31.82 3.02
CA VAL B 80 4.34 33.06 3.20
C VAL B 80 5.25 34.24 2.93
N THR B 81 4.95 34.98 1.86
CA THR B 81 5.76 36.09 1.37
C THR B 81 4.90 37.34 1.11
N PRO B 82 5.53 38.47 0.71
CA PRO B 82 4.73 39.68 0.40
C PRO B 82 3.67 39.45 -0.68
N SER B 83 3.82 38.40 -1.54
CA SER B 83 2.80 38.15 -2.58
C SER B 83 1.64 37.26 -2.09
N GLY B 84 1.80 36.61 -0.95
CA GLY B 84 0.76 35.77 -0.38
C GLY B 84 1.26 34.50 0.25
N THR B 85 0.34 33.56 0.53
CA THR B 85 0.64 32.24 1.06
C THR B 85 0.66 31.26 -0.12
N TRP B 86 1.77 30.56 -0.33
CA TRP B 86 1.93 29.65 -1.47
C TRP B 86 2.09 28.21 -1.02
N LEU B 87 1.41 27.25 -1.67
CA LEU B 87 1.57 25.83 -1.39
C LEU B 87 2.62 25.35 -2.39
N THR B 88 3.81 24.98 -1.90
CA THR B 88 4.88 24.53 -2.80
C THR B 88 4.81 23.03 -3.00
N TYR B 89 5.29 22.57 -4.16
CA TYR B 89 5.28 21.15 -4.43
C TYR B 89 6.45 20.72 -5.29
N THR B 90 7.03 19.59 -4.95
CA THR B 90 8.10 18.98 -5.75
CA THR B 90 8.12 18.99 -5.70
C THR B 90 7.87 17.47 -5.73
N GLY B 91 8.29 16.82 -6.78
CA GLY B 91 8.17 15.37 -6.87
C GLY B 91 8.70 14.83 -8.16
N ALA B 92 8.51 13.55 -8.36
CA ALA B 92 8.94 12.88 -9.57
C ALA B 92 8.06 11.64 -9.74
N ILE B 93 7.57 11.45 -10.96
CA ILE B 93 6.74 10.31 -11.35
C ILE B 93 7.59 9.38 -12.21
N LYS B 94 7.79 8.14 -11.75
CA LYS B 94 8.61 7.19 -12.47
C LYS B 94 7.87 6.60 -13.64
N LEU B 95 8.47 6.66 -14.82
CA LEU B 95 7.87 6.07 -16.01
C LEU B 95 8.00 4.53 -15.93
N ASP B 96 7.04 3.81 -16.49
CA ASP B 96 7.07 2.36 -16.48
C ASP B 96 7.66 1.90 -17.80
N ASP B 97 8.88 1.36 -17.76
CA ASP B 97 9.54 0.92 -19.00
C ASP B 97 8.95 -0.40 -19.56
N LYS B 98 7.93 -0.97 -18.89
CA LYS B 98 7.17 -2.12 -19.36
C LYS B 98 5.90 -1.66 -20.10
N ASP B 99 5.48 -0.35 -19.95
CA ASP B 99 4.36 0.26 -20.67
C ASP B 99 4.70 0.21 -22.16
N PRO B 100 3.84 -0.40 -22.97
CA PRO B 100 4.13 -0.47 -24.43
C PRO B 100 4.31 0.91 -25.10
N ASN B 101 3.79 1.96 -24.48
CA ASN B 101 3.90 3.33 -25.01
C ASN B 101 5.14 4.07 -24.50
N PHE B 102 6.04 3.39 -23.77
CA PHE B 102 7.22 4.01 -23.16
C PHE B 102 8.07 4.83 -24.12
N LYS B 103 8.37 4.31 -25.31
CA LYS B 103 9.18 5.04 -26.29
C LYS B 103 8.52 6.36 -26.69
N ASP B 104 7.22 6.31 -26.97
CA ASP B 104 6.48 7.49 -27.37
C ASP B 104 6.39 8.49 -26.21
N GLN B 105 6.23 8.00 -24.98
CA GLN B 105 6.15 8.83 -23.78
C GLN B 105 7.44 9.61 -23.56
N VAL B 106 8.60 8.95 -23.66
CA VAL B 106 9.90 9.59 -23.49
C VAL B 106 10.12 10.67 -24.57
N ILE B 107 9.84 10.35 -25.84
CA ILE B 107 10.00 11.31 -26.93
C ILE B 107 9.05 12.51 -26.76
N LEU B 108 7.78 12.26 -26.47
CA LEU B 108 6.75 13.29 -26.27
C LEU B 108 7.07 14.28 -25.13
N LEU B 109 7.51 13.77 -23.97
CA LEU B 109 7.81 14.62 -22.82
C LEU B 109 8.99 15.49 -23.12
N ASN B 110 10.07 14.90 -23.65
CA ASN B 110 11.27 15.63 -24.01
C ASN B 110 11.04 16.72 -25.07
N LYS B 111 10.09 16.50 -25.99
CA LYS B 111 9.70 17.45 -27.04
C LYS B 111 9.17 18.77 -26.46
N HIS B 112 8.28 18.67 -25.45
CA HIS B 112 7.64 19.83 -24.85
C HIS B 112 8.43 20.46 -23.71
N ILE B 113 9.37 19.74 -23.06
CA ILE B 113 10.15 20.34 -21.96
C ILE B 113 11.10 21.41 -22.52
N ASP B 114 11.01 22.65 -21.99
CA ASP B 114 11.85 23.79 -22.41
C ASP B 114 11.81 24.07 -23.92
N ALA B 115 10.70 23.72 -24.59
CA ALA B 115 10.57 24.02 -26.02
C ALA B 115 10.55 25.54 -26.27
N TYR B 116 10.07 26.33 -25.27
CA TYR B 116 10.00 27.79 -25.39
C TYR B 116 11.35 28.43 -25.72
N LYS B 117 12.47 27.77 -25.34
CA LYS B 117 13.83 28.27 -25.60
C LYS B 117 14.12 28.46 -27.08
N THR B 118 13.40 27.74 -27.94
CA THR B 118 13.60 27.77 -29.38
C THR B 118 12.73 28.78 -30.11
N PHE B 119 11.88 29.55 -29.40
CA PHE B 119 11.02 30.52 -30.08
C PHE B 119 10.77 31.76 -29.23
N PRO B 120 10.43 32.92 -29.84
CA PRO B 120 10.15 34.11 -29.02
C PRO B 120 9.06 33.85 -27.98
N LYS C 13 11.48 -17.30 17.14
CA LYS C 13 12.68 -16.70 16.54
C LYS C 13 12.26 -15.82 15.38
N PRO C 14 12.93 -14.66 15.19
CA PRO C 14 12.60 -13.82 14.01
C PRO C 14 12.90 -14.63 12.74
N ARG C 15 12.01 -14.57 11.76
CA ARG C 15 12.11 -15.35 10.53
C ARG C 15 13.50 -15.34 9.87
N GLN C 16 14.13 -14.15 9.80
CA GLN C 16 15.45 -13.99 9.18
C GLN C 16 16.55 -14.77 9.92
N LYS C 17 16.31 -15.18 11.17
CA LYS C 17 17.29 -15.95 11.95
C LYS C 17 17.02 -17.47 11.97
N ARG C 18 15.94 -17.93 11.33
CA ARG C 18 15.58 -19.33 11.30
C ARG C 18 16.51 -20.13 10.41
N THR C 19 16.62 -21.42 10.72
CA THR C 19 17.41 -22.36 9.97
C THR C 19 16.46 -23.51 9.63
N ALA C 20 16.22 -23.74 8.35
CA ALA C 20 15.35 -24.84 7.94
C ALA C 20 16.16 -26.16 8.01
N THR C 21 15.53 -27.24 8.46
CA THR C 21 16.10 -28.59 8.55
C THR C 21 14.95 -29.62 8.24
N LYS C 22 15.23 -30.94 8.24
CA LYS C 22 14.17 -31.95 8.11
C LYS C 22 13.13 -31.81 9.26
N ALA C 23 13.53 -31.24 10.40
CA ALA C 23 12.66 -31.05 11.56
C ALA C 23 11.87 -29.74 11.57
N TYR C 24 12.18 -28.81 10.65
CA TYR C 24 11.56 -27.49 10.54
C TYR C 24 11.81 -27.06 9.10
N ASN C 25 11.01 -27.57 8.15
CA ASN C 25 11.30 -27.45 6.72
C ASN C 25 11.15 -26.03 6.15
N VAL C 26 11.64 -25.82 4.91
CA VAL C 26 11.62 -24.51 4.26
C VAL C 26 10.25 -23.89 4.24
N THR C 27 9.20 -24.69 3.99
CA THR C 27 7.83 -24.20 3.96
C THR C 27 7.35 -23.75 5.32
N GLN C 28 7.69 -24.50 6.38
CA GLN C 28 7.24 -24.14 7.72
C GLN C 28 8.02 -22.91 8.21
N ALA C 29 9.31 -22.85 7.92
CA ALA C 29 10.16 -21.73 8.31
C ALA C 29 9.91 -20.44 7.50
N PHE C 30 9.77 -20.56 6.19
CA PHE C 30 9.75 -19.40 5.30
C PHE C 30 8.55 -19.31 4.33
N GLY C 31 7.54 -20.14 4.53
CA GLY C 31 6.35 -20.12 3.68
C GLY C 31 6.49 -20.89 2.39
N ARG C 32 5.35 -21.21 1.74
CA ARG C 32 5.38 -21.91 0.46
C ARG C 32 6.06 -21.02 -0.63
N ARG C 33 6.72 -21.65 -1.61
CA ARG C 33 7.32 -20.91 -2.71
C ARG C 33 6.23 -20.36 -3.61
N GLY C 34 6.51 -19.26 -4.27
CA GLY C 34 5.55 -18.63 -5.16
C GLY C 34 6.10 -17.42 -5.90
N PRO C 35 5.25 -16.75 -6.71
CA PRO C 35 5.72 -15.61 -7.50
C PRO C 35 5.63 -14.21 -6.87
N GLU C 36 4.99 -14.06 -5.70
CA GLU C 36 4.82 -12.76 -5.06
C GLU C 36 6.13 -12.24 -4.44
N GLN C 37 6.29 -10.90 -4.38
CA GLN C 37 7.49 -10.24 -3.87
C GLN C 37 7.93 -10.69 -2.48
N THR C 38 6.99 -11.04 -1.55
CA THR C 38 7.43 -11.53 -0.24
C THR C 38 7.45 -13.06 -0.17
N GLN C 39 7.30 -13.77 -1.28
CA GLN C 39 7.41 -15.22 -1.31
C GLN C 39 8.81 -15.59 -1.84
N GLY C 40 9.43 -16.60 -1.23
CA GLY C 40 10.67 -17.14 -1.75
C GLY C 40 10.34 -17.98 -2.98
N ASN C 41 11.26 -18.07 -3.97
CA ASN C 41 11.03 -18.91 -5.16
C ASN C 41 12.10 -20.03 -5.30
N PHE C 42 12.97 -20.20 -4.29
CA PHE C 42 14.11 -21.11 -4.40
C PHE C 42 13.92 -22.40 -3.62
N GLY C 43 14.30 -23.49 -4.28
CA GLY C 43 14.30 -24.82 -3.72
C GLY C 43 13.44 -25.80 -4.49
N ASP C 44 14.02 -26.96 -4.80
CA ASP C 44 13.25 -28.04 -5.39
C ASP C 44 12.59 -28.80 -4.21
N GLN C 45 11.83 -29.89 -4.49
CA GLN C 45 11.16 -30.62 -3.42
C GLN C 45 12.11 -31.20 -2.37
N GLU C 46 13.30 -31.60 -2.79
CA GLU C 46 14.30 -32.20 -1.92
C GLU C 46 14.90 -31.16 -0.97
N LEU C 47 15.32 -29.98 -1.47
CA LEU C 47 15.84 -28.94 -0.58
C LEU C 47 14.72 -28.43 0.32
N ILE C 48 13.52 -28.20 -0.22
CA ILE C 48 12.39 -27.69 0.58
C ILE C 48 12.13 -28.52 1.86
N ARG C 49 12.13 -29.84 1.74
CA ARG C 49 11.86 -30.71 2.88
C ARG C 49 13.10 -30.95 3.78
N GLN C 50 14.33 -30.72 3.30
CA GLN C 50 15.53 -31.02 4.09
C GLN C 50 16.25 -29.80 4.68
N GLY C 51 16.08 -28.62 4.08
CA GLY C 51 16.72 -27.39 4.49
C GLY C 51 18.24 -27.54 4.52
N THR C 52 18.89 -27.19 5.64
CA THR C 52 20.33 -27.33 5.77
C THR C 52 20.79 -28.79 5.87
N ASP C 53 19.86 -29.76 6.00
CA ASP C 53 20.19 -31.20 5.97
C ASP C 53 20.41 -31.71 4.53
N TYR C 54 20.02 -30.92 3.51
CA TYR C 54 20.17 -31.24 2.09
C TYR C 54 21.62 -31.56 1.79
N LYS C 55 21.89 -32.67 1.07
CA LYS C 55 23.25 -33.13 0.79
C LYS C 55 24.19 -32.04 0.24
N HIS C 56 23.67 -31.14 -0.61
CA HIS C 56 24.50 -30.11 -1.22
C HIS C 56 24.27 -28.72 -0.65
N TRP C 57 23.76 -28.63 0.59
CA TRP C 57 23.51 -27.33 1.21
C TRP C 57 24.76 -26.42 1.26
N PRO C 58 25.97 -26.90 1.61
CA PRO C 58 27.13 -25.99 1.67
C PRO C 58 27.44 -25.32 0.33
N GLN C 59 27.22 -26.04 -0.79
CA GLN C 59 27.43 -25.48 -2.12
C GLN C 59 26.41 -24.37 -2.45
N ILE C 60 25.27 -24.31 -1.75
CA ILE C 60 24.30 -23.25 -1.94
C ILE C 60 24.68 -22.12 -0.95
N ALA C 61 24.91 -22.48 0.34
CA ALA C 61 25.26 -21.52 1.39
C ALA C 61 26.54 -20.70 1.10
N GLN C 62 27.42 -21.20 0.22
CA GLN C 62 28.64 -20.43 -0.13
C GLN C 62 28.31 -19.06 -0.80
N PHE C 63 27.09 -18.92 -1.34
CA PHE C 63 26.61 -17.71 -1.98
C PHE C 63 25.83 -16.78 -1.04
N ALA C 64 25.44 -17.25 0.16
CA ALA C 64 24.69 -16.39 1.06
C ALA C 64 25.65 -15.40 1.72
N PRO C 65 25.21 -14.15 1.91
CA PRO C 65 26.09 -13.16 2.54
C PRO C 65 26.23 -13.28 4.05
N SER C 66 27.43 -12.93 4.58
CA SER C 66 27.64 -12.73 6.03
C SER C 66 26.78 -11.49 6.42
N ALA C 67 26.53 -11.24 7.71
CA ALA C 67 25.73 -10.07 8.12
C ALA C 67 26.34 -8.75 7.58
N SER C 68 27.68 -8.67 7.62
CA SER C 68 28.41 -7.49 7.13
C SER C 68 28.24 -7.32 5.63
N ALA C 69 28.33 -8.42 4.84
CA ALA C 69 28.15 -8.33 3.40
C ALA C 69 26.70 -8.07 3.01
N PHE C 70 25.73 -8.54 3.81
CA PHE C 70 24.33 -8.30 3.52
C PHE C 70 24.04 -6.80 3.55
N PHE C 71 24.55 -6.12 4.56
CA PHE C 71 24.39 -4.69 4.71
C PHE C 71 25.38 -3.86 3.87
N GLY C 72 26.51 -4.46 3.49
CA GLY C 72 27.57 -3.84 2.71
C GLY C 72 27.38 -3.88 1.20
N MET C 73 26.85 -5.01 0.67
CA MET C 73 26.66 -5.13 -0.77
C MET C 73 25.28 -4.70 -1.27
N SER C 74 24.25 -4.94 -0.47
CA SER C 74 22.87 -4.76 -0.91
C SER C 74 22.38 -3.32 -0.97
N ARG C 75 21.29 -3.13 -1.72
CA ARG C 75 20.54 -1.90 -1.78
C ARG C 75 19.44 -2.09 -0.72
N ILE C 76 19.57 -1.37 0.36
CA ILE C 76 18.66 -1.49 1.48
C ILE C 76 17.60 -0.39 1.40
N GLY C 77 16.39 -0.75 1.77
CA GLY C 77 15.30 0.21 1.83
C GLY C 77 14.32 -0.16 2.92
N MET C 78 13.26 0.61 3.02
CA MET C 78 12.21 0.35 3.99
C MET C 78 10.87 0.64 3.39
N GLU C 79 9.91 -0.26 3.60
CA GLU C 79 8.56 -0.05 3.13
C GLU C 79 7.55 -0.20 4.28
N VAL C 80 6.40 0.47 4.16
CA VAL C 80 5.30 0.37 5.12
C VAL C 80 4.01 -0.09 4.43
N THR C 81 3.41 -1.19 4.93
CA THR C 81 2.17 -1.77 4.40
C THR C 81 1.23 -2.10 5.60
N PRO C 82 -0.02 -2.58 5.40
CA PRO C 82 -0.88 -2.90 6.55
C PRO C 82 -0.23 -3.92 7.50
N SER C 83 0.65 -4.77 6.97
CA SER C 83 1.34 -5.77 7.79
C SER C 83 2.51 -5.21 8.62
N GLY C 84 2.88 -3.95 8.44
CA GLY C 84 3.92 -3.26 9.20
C GLY C 84 5.07 -2.67 8.40
N THR C 85 6.23 -2.53 9.06
CA THR C 85 7.46 -1.97 8.48
C THR C 85 8.41 -3.08 8.05
N TRP C 86 8.90 -2.99 6.80
CA TRP C 86 9.76 -4.02 6.22
C TRP C 86 11.08 -3.46 5.74
N LEU C 87 12.17 -4.18 5.97
CA LEU C 87 13.49 -3.81 5.48
C LEU C 87 13.59 -4.52 4.13
N THR C 88 13.71 -3.77 3.04
CA THR C 88 13.86 -4.37 1.72
C THR C 88 15.33 -4.48 1.35
N TYR C 89 15.66 -5.47 0.54
CA TYR C 89 17.02 -5.68 0.11
C TYR C 89 17.06 -6.22 -1.28
N THR C 90 18.00 -5.74 -2.06
CA THR C 90 18.22 -6.26 -3.42
C THR C 90 19.72 -6.28 -3.68
N GLY C 91 20.15 -7.09 -4.64
CA GLY C 91 21.55 -7.09 -5.04
C GLY C 91 21.91 -8.25 -5.94
N ALA C 92 23.21 -8.40 -6.20
CA ALA C 92 23.71 -9.50 -7.02
C ALA C 92 25.07 -9.94 -6.55
N ILE C 93 25.32 -11.23 -6.59
CA ILE C 93 26.59 -11.83 -6.22
C ILE C 93 27.20 -12.44 -7.49
N LYS C 94 28.44 -12.07 -7.79
CA LYS C 94 29.10 -12.57 -8.99
C LYS C 94 29.68 -13.95 -8.77
N LEU C 95 29.34 -14.89 -9.65
CA LEU C 95 29.93 -16.22 -9.62
C LEU C 95 31.35 -16.11 -10.22
N ASP C 96 32.27 -16.95 -9.77
CA ASP C 96 33.65 -16.94 -10.28
C ASP C 96 33.70 -17.97 -11.39
N ASP C 97 33.68 -17.57 -12.68
CA ASP C 97 33.74 -18.58 -13.76
C ASP C 97 35.10 -19.30 -13.86
N LYS C 98 36.12 -18.81 -13.14
CA LYS C 98 37.42 -19.48 -13.02
C LYS C 98 37.44 -20.50 -11.85
N ASP C 99 36.32 -20.65 -11.10
CA ASP C 99 36.24 -21.63 -10.03
C ASP C 99 36.10 -22.97 -10.74
N PRO C 100 36.93 -23.98 -10.42
CA PRO C 100 36.77 -25.29 -11.07
C PRO C 100 35.37 -25.89 -10.90
N ASN C 101 34.65 -25.50 -9.82
CA ASN C 101 33.30 -25.99 -9.60
C ASN C 101 32.20 -25.08 -10.20
N PHE C 102 32.54 -24.12 -11.07
CA PHE C 102 31.55 -23.23 -11.69
C PHE C 102 30.42 -23.95 -12.38
N LYS C 103 30.74 -24.89 -13.29
CA LYS C 103 29.70 -25.59 -14.03
C LYS C 103 28.73 -26.37 -13.10
N ASP C 104 29.27 -26.99 -12.05
CA ASP C 104 28.47 -27.71 -11.07
C ASP C 104 27.56 -26.74 -10.30
N GLN C 105 28.05 -25.54 -10.00
CA GLN C 105 27.27 -24.53 -9.27
C GLN C 105 26.09 -24.08 -10.12
N VAL C 106 26.31 -23.82 -11.42
CA VAL C 106 25.23 -23.42 -12.34
C VAL C 106 24.14 -24.52 -12.40
N ILE C 107 24.53 -25.79 -12.51
CA ILE C 107 23.55 -26.90 -12.53
C ILE C 107 22.75 -26.97 -11.22
N LEU C 108 23.45 -26.84 -10.10
CA LEU C 108 22.82 -26.86 -8.78
C LEU C 108 21.85 -25.71 -8.62
N LEU C 109 22.25 -24.49 -8.97
CA LEU C 109 21.36 -23.32 -8.84
C LEU C 109 20.16 -23.46 -9.77
N ASN C 110 20.38 -23.90 -11.02
CA ASN C 110 19.27 -24.09 -11.98
C ASN C 110 18.24 -25.09 -11.50
N LYS C 111 18.64 -26.03 -10.65
CA LYS C 111 17.77 -27.05 -10.09
C LYS C 111 16.79 -26.47 -9.08
N HIS C 112 17.15 -25.35 -8.42
CA HIS C 112 16.32 -24.80 -7.37
C HIS C 112 15.62 -23.52 -7.74
N ILE C 113 16.15 -22.75 -8.68
CA ILE C 113 15.52 -21.47 -9.06
C ILE C 113 14.20 -21.74 -9.73
N ASP C 114 13.10 -21.25 -9.13
CA ASP C 114 11.72 -21.40 -9.59
C ASP C 114 11.30 -22.87 -9.80
N ALA C 115 11.92 -23.79 -9.07
CA ALA C 115 11.61 -25.20 -9.19
C ALA C 115 10.16 -25.56 -8.85
N TYR C 116 9.55 -24.77 -7.96
CA TYR C 116 8.18 -24.97 -7.53
C TYR C 116 7.17 -25.00 -8.69
N LYS C 117 7.52 -24.34 -9.83
CA LYS C 117 6.68 -24.29 -11.03
C LYS C 117 6.42 -25.68 -11.61
N THR C 118 7.30 -26.66 -11.35
CA THR C 118 7.17 -28.03 -11.83
C THR C 118 6.51 -28.99 -10.86
N PHE C 119 6.22 -28.57 -9.62
CA PHE C 119 5.64 -29.47 -8.63
C PHE C 119 4.23 -29.94 -9.03
N LYS D 12 41.51 -12.76 -1.93
CA LYS D 12 41.15 -13.02 -0.53
C LYS D 12 39.77 -13.79 -0.41
N LYS D 13 38.84 -13.36 0.46
CA LYS D 13 37.56 -14.02 0.63
C LYS D 13 36.62 -13.62 -0.49
N PRO D 14 35.72 -14.52 -0.95
CA PRO D 14 34.68 -14.08 -1.92
C PRO D 14 33.86 -12.97 -1.27
N ARG D 15 33.53 -11.93 -2.04
CA ARG D 15 32.84 -10.74 -1.55
C ARG D 15 31.73 -10.97 -0.52
N GLN D 16 30.80 -11.88 -0.80
CA GLN D 16 29.65 -12.19 0.06
C GLN D 16 30.05 -12.77 1.43
N LYS D 17 31.30 -13.22 1.60
CA LYS D 17 31.76 -13.76 2.88
C LYS D 17 32.68 -12.85 3.68
N ARG D 18 32.97 -11.65 3.15
CA ARG D 18 33.82 -10.71 3.85
C ARG D 18 33.13 -10.13 5.10
N THR D 19 33.96 -9.71 6.07
CA THR D 19 33.52 -9.11 7.31
C THR D 19 34.28 -7.80 7.42
N ALA D 20 33.55 -6.68 7.32
CA ALA D 20 34.18 -5.38 7.43
C ALA D 20 34.48 -5.10 8.88
N THR D 21 35.58 -4.40 9.14
CA THR D 21 36.05 -4.02 10.49
C THR D 21 36.76 -2.64 10.37
N LYS D 22 37.27 -2.07 11.49
CA LYS D 22 38.05 -0.84 11.48
C LYS D 22 39.30 -0.98 10.60
N ALA D 23 39.86 -2.17 10.53
CA ALA D 23 41.07 -2.45 9.78
C ALA D 23 40.84 -2.73 8.29
N TYR D 24 39.66 -3.22 7.95
CA TYR D 24 39.31 -3.60 6.58
C TYR D 24 37.85 -3.17 6.46
N ASN D 25 37.61 -1.89 6.22
CA ASN D 25 36.30 -1.25 6.33
C ASN D 25 35.31 -1.57 5.20
N VAL D 26 34.10 -0.97 5.26
CA VAL D 26 33.01 -1.21 4.31
C VAL D 26 33.41 -0.84 2.91
N THR D 27 34.14 0.27 2.74
CA THR D 27 34.64 0.65 1.41
C THR D 27 35.67 -0.34 0.90
N GLN D 28 36.62 -0.77 1.73
CA GLN D 28 37.64 -1.72 1.30
C GLN D 28 37.02 -3.05 0.91
N ALA D 29 36.08 -3.57 1.73
CA ALA D 29 35.44 -4.87 1.48
C ALA D 29 34.37 -4.86 0.41
N PHE D 30 33.49 -3.83 0.38
CA PHE D 30 32.30 -3.79 -0.46
C PHE D 30 32.17 -2.61 -1.41
N GLY D 31 33.20 -1.77 -1.49
CA GLY D 31 33.17 -0.61 -2.39
C GLY D 31 32.47 0.59 -1.79
N ARG D 32 32.70 1.77 -2.37
CA ARG D 32 32.04 2.99 -1.90
C ARG D 32 30.53 2.89 -2.10
N ARG D 33 29.76 3.53 -1.20
CA ARG D 33 28.32 3.52 -1.35
C ARG D 33 27.92 4.39 -2.54
N GLY D 34 26.75 4.13 -3.09
CA GLY D 34 26.25 4.87 -4.22
C GLY D 34 24.90 4.33 -4.66
N PRO D 35 24.37 4.90 -5.76
CA PRO D 35 23.01 4.53 -6.19
C PRO D 35 22.84 3.36 -7.13
N GLU D 36 23.92 2.75 -7.64
CA GLU D 36 23.79 1.72 -8.65
C GLU D 36 23.24 0.40 -8.10
N GLN D 37 22.56 -0.40 -8.96
CA GLN D 37 21.83 -1.62 -8.58
C GLN D 37 22.67 -2.70 -7.87
N THR D 38 23.94 -2.86 -8.25
CA THR D 38 24.81 -3.81 -7.56
C THR D 38 25.87 -3.11 -6.70
N GLN D 39 25.60 -1.88 -6.31
CA GLN D 39 26.40 -1.07 -5.43
C GLN D 39 25.60 -0.98 -4.11
N GLY D 40 26.30 -1.00 -2.98
CA GLY D 40 25.64 -0.90 -1.68
C GLY D 40 25.30 0.56 -1.42
N ASN D 41 24.12 0.85 -0.87
CA ASN D 41 23.75 2.23 -0.52
C ASN D 41 23.71 2.49 1.03
N PHE D 42 23.98 1.44 1.84
CA PHE D 42 23.83 1.48 3.31
C PHE D 42 25.10 1.80 4.08
N GLY D 43 24.99 2.77 4.96
CA GLY D 43 26.09 3.20 5.81
C GLY D 43 26.39 4.68 5.75
N ASP D 44 26.41 5.32 6.94
CA ASP D 44 26.90 6.68 7.13
C ASP D 44 28.43 6.57 7.26
N GLN D 45 29.15 7.71 7.36
CA GLN D 45 30.60 7.68 7.43
C GLN D 45 31.14 6.83 8.58
N GLU D 46 30.44 6.89 9.71
CA GLU D 46 30.84 6.16 10.90
C GLU D 46 30.76 4.65 10.71
N LEU D 47 29.64 4.14 10.19
CA LEU D 47 29.51 2.70 9.92
C LEU D 47 30.51 2.29 8.84
N ILE D 48 30.68 3.12 7.80
CA ILE D 48 31.63 2.81 6.72
C ILE D 48 33.05 2.56 7.23
N ARG D 49 33.53 3.42 8.15
CA ARG D 49 34.90 3.28 8.64
C ARG D 49 35.03 2.23 9.73
N GLN D 50 33.92 1.85 10.40
CA GLN D 50 33.95 0.88 11.47
C GLN D 50 33.58 -0.58 11.11
N GLY D 51 32.72 -0.78 10.12
CA GLY D 51 32.21 -2.12 9.79
C GLY D 51 31.49 -2.77 10.97
N THR D 52 31.83 -4.04 11.25
CA THR D 52 31.28 -4.77 12.40
C THR D 52 31.78 -4.23 13.75
N ASP D 53 32.83 -3.35 13.74
CA ASP D 53 33.30 -2.71 14.97
C ASP D 53 32.44 -1.50 15.38
N TYR D 54 31.43 -1.16 14.59
CA TYR D 54 30.53 -0.05 14.83
C TYR D 54 29.77 -0.29 16.14
N LYS D 55 29.69 0.74 16.99
CA LYS D 55 29.06 0.75 18.31
C LYS D 55 27.67 0.13 18.31
N HIS D 56 26.88 0.41 17.27
CA HIS D 56 25.51 -0.11 17.19
C HIS D 56 25.34 -1.22 16.15
N TRP D 57 26.42 -1.93 15.81
CA TRP D 57 26.35 -3.03 14.87
C TRP D 57 25.37 -4.12 15.28
N PRO D 58 25.30 -4.58 16.55
CA PRO D 58 24.32 -5.63 16.90
C PRO D 58 22.87 -5.29 16.57
N GLN D 59 22.48 -4.02 16.70
CA GLN D 59 21.12 -3.55 16.42
C GLN D 59 20.81 -3.52 14.91
N ILE D 60 21.84 -3.52 14.05
CA ILE D 60 21.67 -3.63 12.60
C ILE D 60 21.73 -5.12 12.21
N ALA D 61 22.75 -5.87 12.73
CA ALA D 61 22.95 -7.28 12.42
C ALA D 61 21.76 -8.17 12.78
N GLN D 62 20.92 -7.74 13.73
CA GLN D 62 19.71 -8.51 14.09
C GLN D 62 18.75 -8.64 12.89
N PHE D 63 18.89 -7.78 11.85
CA PHE D 63 18.03 -7.88 10.66
C PHE D 63 18.64 -8.72 9.52
N ALA D 64 19.94 -9.04 9.60
CA ALA D 64 20.60 -9.83 8.57
C ALA D 64 20.12 -11.30 8.59
N PRO D 65 19.92 -11.92 7.41
CA PRO D 65 19.46 -13.30 7.40
C PRO D 65 20.56 -14.36 7.54
N SER D 66 20.22 -15.48 8.18
CA SER D 66 21.06 -16.68 8.22
C SER D 66 21.16 -17.18 6.75
N ALA D 67 22.14 -18.07 6.44
CA ALA D 67 22.23 -18.59 5.06
C ALA D 67 20.93 -19.32 4.67
N SER D 68 20.31 -20.03 5.63
CA SER D 68 19.05 -20.74 5.40
C SER D 68 17.90 -19.77 5.05
N ALA D 69 17.80 -18.64 5.78
CA ALA D 69 16.75 -17.63 5.53
C ALA D 69 17.00 -16.82 4.27
N PHE D 70 18.27 -16.63 3.88
CA PHE D 70 18.58 -15.92 2.65
C PHE D 70 18.05 -16.69 1.45
N PHE D 71 18.28 -18.00 1.41
CA PHE D 71 17.76 -18.83 0.31
C PHE D 71 16.29 -19.24 0.50
N GLY D 72 15.75 -19.09 1.70
CA GLY D 72 14.35 -19.43 1.98
C GLY D 72 13.38 -18.29 1.73
N MET D 73 13.80 -17.07 2.05
CA MET D 73 12.93 -15.90 1.93
C MET D 73 13.08 -15.14 0.63
N SER D 74 14.28 -15.17 0.04
CA SER D 74 14.58 -14.36 -1.12
C SER D 74 14.01 -14.85 -2.45
N ARG D 75 13.94 -13.91 -3.41
CA ARG D 75 13.60 -14.22 -4.78
C ARG D 75 14.96 -14.28 -5.47
N ILE D 76 15.34 -15.46 -5.91
CA ILE D 76 16.66 -15.70 -6.48
C ILE D 76 16.60 -15.85 -8.00
N GLY D 77 17.60 -15.31 -8.67
CA GLY D 77 17.71 -15.45 -10.11
C GLY D 77 19.14 -15.58 -10.57
N MET D 78 19.35 -15.82 -11.85
CA MET D 78 20.68 -15.89 -12.44
C MET D 78 20.65 -15.09 -13.74
N GLU D 79 21.70 -14.30 -14.00
CA GLU D 79 21.79 -13.48 -15.21
C GLU D 79 23.15 -13.70 -15.81
N VAL D 80 23.23 -13.92 -17.13
CA VAL D 80 24.51 -14.08 -17.81
C VAL D 80 24.69 -12.84 -18.67
N THR D 81 25.72 -12.07 -18.37
CA THR D 81 25.98 -10.81 -19.05
C THR D 81 27.45 -10.77 -19.59
N PRO D 82 27.86 -9.70 -20.29
CA PRO D 82 29.27 -9.59 -20.71
C PRO D 82 30.26 -9.59 -19.55
N SER D 83 29.84 -9.22 -18.32
CA SER D 83 30.74 -9.20 -17.18
C SER D 83 30.89 -10.55 -16.45
N GLY D 84 29.98 -11.48 -16.73
CA GLY D 84 30.01 -12.78 -16.07
C GLY D 84 28.63 -13.25 -15.70
N THR D 85 28.58 -14.24 -14.79
CA THR D 85 27.35 -14.87 -14.34
C THR D 85 27.04 -14.34 -12.97
N TRP D 86 25.82 -13.81 -12.78
CA TRP D 86 25.41 -13.17 -11.54
C TRP D 86 24.21 -13.85 -10.91
N LEU D 87 24.26 -14.07 -9.59
CA LEU D 87 23.15 -14.61 -8.81
C LEU D 87 22.46 -13.38 -8.27
N THR D 88 21.23 -13.12 -8.69
CA THR D 88 20.50 -11.95 -8.21
C THR D 88 19.59 -12.31 -7.03
N TYR D 89 19.35 -11.33 -6.15
CA TYR D 89 18.46 -11.56 -5.03
C TYR D 89 17.65 -10.32 -4.66
N THR D 90 16.39 -10.52 -4.23
CA THR D 90 15.49 -9.46 -3.73
CA THR D 90 15.52 -9.47 -3.73
C THR D 90 14.66 -10.03 -2.61
N GLY D 91 14.27 -9.19 -1.67
CA GLY D 91 13.41 -9.65 -0.58
C GLY D 91 13.04 -8.58 0.41
N ALA D 92 12.39 -8.99 1.49
CA ALA D 92 11.98 -8.05 2.54
C ALA D 92 11.95 -8.80 3.87
N ILE D 93 12.40 -8.16 4.92
CA ILE D 93 12.42 -8.75 6.25
C ILE D 93 11.52 -7.87 7.13
N LYS D 94 10.54 -8.46 7.80
CA LYS D 94 9.62 -7.68 8.63
C LYS D 94 10.20 -7.28 9.96
N LEU D 95 10.08 -6.00 10.28
CA LEU D 95 10.50 -5.51 11.59
C LEU D 95 9.35 -5.83 12.58
N ASP D 96 9.68 -6.01 13.87
CA ASP D 96 8.66 -6.28 14.88
C ASP D 96 8.15 -4.96 15.40
N ASP D 97 7.00 -4.45 14.90
CA ASP D 97 6.50 -3.17 15.39
C ASP D 97 5.94 -3.23 16.83
N LYS D 98 5.83 -4.41 17.43
CA LYS D 98 5.39 -4.55 18.82
C LYS D 98 6.57 -4.43 19.82
N ASP D 99 7.81 -4.39 19.31
CA ASP D 99 9.02 -4.28 20.11
C ASP D 99 9.11 -2.82 20.56
N PRO D 100 9.29 -2.55 21.88
CA PRO D 100 9.41 -1.16 22.34
C PRO D 100 10.61 -0.42 21.75
N ASN D 101 11.63 -1.16 21.28
CA ASN D 101 12.80 -0.59 20.62
C ASN D 101 12.56 -0.27 19.12
N PHE D 102 11.36 -0.62 18.58
CA PHE D 102 11.02 -0.46 17.18
C PHE D 102 11.33 0.91 16.62
N LYS D 103 10.92 1.98 17.32
CA LYS D 103 11.16 3.33 16.83
C LYS D 103 12.63 3.65 16.67
N ASP D 104 13.48 3.18 17.61
CA ASP D 104 14.92 3.36 17.55
C ASP D 104 15.53 2.55 16.41
N GLN D 105 14.97 1.35 16.15
CA GLN D 105 15.44 0.51 15.05
C GLN D 105 15.23 1.21 13.71
N VAL D 106 14.05 1.85 13.56
CA VAL D 106 13.69 2.61 12.35
C VAL D 106 14.63 3.81 12.18
N ILE D 107 14.91 4.53 13.29
CA ILE D 107 15.86 5.66 13.27
C ILE D 107 17.23 5.19 12.81
N LEU D 108 17.72 4.12 13.41
CA LEU D 108 19.03 3.57 13.08
C LEU D 108 19.11 3.16 11.61
N LEU D 109 18.09 2.49 11.08
CA LEU D 109 18.09 2.07 9.67
C LEU D 109 18.03 3.29 8.72
N ASN D 110 17.17 4.27 9.01
CA ASN D 110 17.05 5.49 8.20
C ASN D 110 18.33 6.32 8.22
N LYS D 111 19.06 6.28 9.31
CA LYS D 111 20.32 6.99 9.46
C LYS D 111 21.38 6.49 8.44
N HIS D 112 21.35 5.18 8.13
CA HIS D 112 22.32 4.60 7.22
C HIS D 112 21.85 4.47 5.78
N ILE D 113 20.55 4.27 5.52
CA ILE D 113 20.05 4.16 4.13
C ILE D 113 20.28 5.47 3.34
N ASP D 114 21.03 5.40 2.20
CA ASP D 114 21.31 6.56 1.32
C ASP D 114 22.02 7.72 2.01
N ALA D 115 22.73 7.43 3.10
CA ALA D 115 23.47 8.47 3.82
C ALA D 115 24.56 9.08 2.94
N TYR D 116 25.14 8.28 2.01
CA TYR D 116 26.19 8.70 1.09
C TYR D 116 25.81 9.96 0.29
N LYS D 117 24.51 10.21 0.08
CA LYS D 117 24.06 11.36 -0.69
C LYS D 117 24.41 12.67 0.01
N THR D 118 24.61 12.68 1.33
CA THR D 118 24.89 13.92 2.06
C THR D 118 26.38 14.28 2.19
N PHE D 119 27.27 13.43 1.73
CA PHE D 119 28.70 13.70 1.84
C PHE D 119 29.45 13.28 0.59
N PRO D 120 30.67 13.81 0.35
CA PRO D 120 31.41 13.42 -0.85
C PRO D 120 31.77 11.93 -0.80
N LYS E 12 -25.86 8.59 -6.30
CA LYS E 12 -25.58 8.10 -4.94
C LYS E 12 -24.70 6.86 -4.97
N LYS E 13 -23.96 6.65 -3.88
CA LYS E 13 -23.07 5.49 -3.68
C LYS E 13 -23.87 4.18 -3.78
N PRO E 14 -23.22 3.02 -4.06
CA PRO E 14 -23.95 1.73 -3.98
C PRO E 14 -24.54 1.56 -2.56
N ARG E 15 -25.70 0.91 -2.41
CA ARG E 15 -26.41 0.77 -1.15
C ARG E 15 -25.54 0.43 0.06
N GLN E 16 -24.70 -0.60 -0.05
CA GLN E 16 -23.82 -1.05 1.03
C GLN E 16 -22.78 -0.01 1.46
N LYS E 17 -22.58 1.06 0.69
CA LYS E 17 -21.63 2.10 1.05
C LYS E 17 -22.31 3.41 1.48
N ARG E 18 -23.64 3.43 1.56
CA ARG E 18 -24.39 4.60 1.95
C ARG E 18 -24.22 4.88 3.42
N THR E 19 -24.25 6.17 3.78
CA THR E 19 -24.16 6.65 5.14
C THR E 19 -25.47 7.44 5.41
N ALA E 20 -26.34 6.89 6.26
CA ALA E 20 -27.58 7.57 6.61
C ALA E 20 -27.27 8.73 7.59
N THR E 21 -27.85 9.91 7.36
CA THR E 21 -27.74 11.12 8.20
C THR E 21 -29.15 11.79 8.30
N LYS E 22 -29.30 12.92 9.01
CA LYS E 22 -30.61 13.59 9.11
C LYS E 22 -31.18 13.99 7.74
N ALA E 23 -30.34 14.45 6.81
CA ALA E 23 -30.83 14.85 5.48
C ALA E 23 -31.08 13.67 4.53
N TYR E 24 -30.50 12.52 4.81
CA TYR E 24 -30.64 11.32 3.99
C TYR E 24 -30.76 10.18 4.99
N ASN E 25 -31.96 9.97 5.56
CA ASN E 25 -32.17 9.07 6.69
C ASN E 25 -32.11 7.56 6.34
N VAL E 26 -32.28 6.71 7.36
CA VAL E 26 -32.22 5.27 7.24
C VAL E 26 -33.26 4.76 6.26
N THR E 27 -34.48 5.33 6.28
CA THR E 27 -35.53 4.92 5.35
C THR E 27 -35.14 5.30 3.93
N GLN E 28 -34.64 6.52 3.74
CA GLN E 28 -34.27 6.98 2.40
C GLN E 28 -33.13 6.16 1.82
N ALA E 29 -32.15 5.85 2.66
CA ALA E 29 -30.98 5.09 2.23
C ALA E 29 -31.18 3.59 2.11
N PHE E 30 -31.88 2.96 3.07
CA PHE E 30 -31.97 1.50 3.15
C PHE E 30 -33.39 0.90 3.15
N GLY E 31 -34.40 1.74 2.89
CA GLY E 31 -35.78 1.26 2.87
C GLY E 31 -36.40 1.18 4.26
N ARG E 32 -37.72 1.04 4.31
CA ARG E 32 -38.44 0.93 5.58
C ARG E 32 -38.08 -0.37 6.28
N ARG E 33 -38.11 -0.35 7.62
CA ARG E 33 -37.86 -1.56 8.39
C ARG E 33 -39.00 -2.52 8.20
N GLY E 34 -38.68 -3.80 8.21
CA GLY E 34 -39.66 -4.86 7.99
C GLY E 34 -39.15 -6.22 8.44
N PRO E 35 -40.03 -7.25 8.43
CA PRO E 35 -39.64 -8.57 8.93
C PRO E 35 -39.07 -9.53 7.92
N GLU E 36 -39.04 -9.16 6.63
CA GLU E 36 -38.55 -10.07 5.60
C GLU E 36 -37.05 -10.08 5.51
N GLN E 37 -36.50 -11.16 4.96
CA GLN E 37 -35.07 -11.40 4.84
C GLN E 37 -34.25 -10.26 4.22
N THR E 38 -34.81 -9.48 3.26
CA THR E 38 -34.03 -8.34 2.73
C THR E 38 -34.50 -6.99 3.24
N GLN E 39 -35.35 -6.97 4.26
CA GLN E 39 -35.75 -5.73 4.90
C GLN E 39 -34.88 -5.59 6.16
N GLY E 40 -34.34 -4.39 6.41
CA GLY E 40 -33.60 -4.16 7.63
C GLY E 40 -34.58 -4.07 8.78
N ASN E 41 -34.28 -4.65 9.96
CA ASN E 41 -35.20 -4.57 11.12
C ASN E 41 -34.70 -3.67 12.26
N PHE E 42 -33.54 -3.04 12.10
CA PHE E 42 -32.90 -2.30 13.16
C PHE E 42 -33.16 -0.80 13.12
N GLY E 43 -33.49 -0.25 14.28
CA GLY E 43 -33.70 1.18 14.41
C GLY E 43 -35.05 1.60 14.97
N ASP E 44 -35.00 2.40 16.04
CA ASP E 44 -36.21 3.00 16.57
C ASP E 44 -36.50 4.30 15.73
N GLN E 45 -37.54 5.05 16.10
CA GLN E 45 -37.93 6.27 15.39
CA GLN E 45 -37.90 6.24 15.33
C GLN E 45 -36.78 7.28 15.28
N GLU E 46 -36.10 7.52 16.40
CA GLU E 46 -35.01 8.49 16.45
C GLU E 46 -33.78 8.08 15.58
N LEU E 47 -33.38 6.79 15.64
CA LEU E 47 -32.27 6.30 14.82
C LEU E 47 -32.64 6.29 13.32
N ILE E 48 -33.87 5.91 12.98
CA ILE E 48 -34.33 5.92 11.57
C ILE E 48 -34.23 7.34 11.00
N ARG E 49 -34.62 8.33 11.80
CA ARG E 49 -34.60 9.73 11.45
C ARG E 49 -33.21 10.34 11.36
N GLN E 50 -32.29 9.94 12.24
CA GLN E 50 -30.97 10.58 12.34
C GLN E 50 -29.76 9.85 11.75
N GLY E 51 -29.83 8.53 11.54
CA GLY E 51 -28.70 7.78 11.01
C GLY E 51 -27.45 7.92 11.88
N THR E 52 -26.30 8.21 11.27
CA THR E 52 -25.02 8.42 11.97
C THR E 52 -24.96 9.74 12.77
N ASP E 53 -25.97 10.62 12.63
CA ASP E 53 -26.11 11.85 13.43
C ASP E 53 -26.73 11.56 14.80
N TYR E 54 -27.32 10.35 15.00
CA TYR E 54 -27.90 9.88 16.26
C TYR E 54 -26.81 9.95 17.33
N LYS E 55 -27.07 10.68 18.41
CA LYS E 55 -26.09 10.97 19.46
C LYS E 55 -25.44 9.75 20.08
N HIS E 56 -26.12 8.59 20.03
CA HIS E 56 -25.54 7.35 20.56
C HIS E 56 -25.03 6.41 19.47
N TRP E 57 -24.85 6.92 18.24
CA TRP E 57 -24.34 6.17 17.10
C TRP E 57 -22.98 5.52 17.37
N PRO E 58 -21.99 6.20 18.02
CA PRO E 58 -20.70 5.51 18.28
C PRO E 58 -20.85 4.20 19.04
N GLN E 59 -21.82 4.11 19.95
CA GLN E 59 -22.02 2.89 20.74
C GLN E 59 -22.71 1.75 19.97
N ILE E 60 -23.32 2.06 18.81
CA ILE E 60 -23.89 1.04 17.93
C ILE E 60 -22.77 0.67 16.93
N ALA E 61 -22.10 1.68 16.34
CA ALA E 61 -21.02 1.48 15.37
C ALA E 61 -19.85 0.64 15.91
N GLN E 62 -19.58 0.62 17.25
CA GLN E 62 -18.50 -0.24 17.78
C GLN E 62 -18.69 -1.73 17.43
N PHE E 63 -19.91 -2.12 17.03
CA PHE E 63 -20.22 -3.51 16.69
C PHE E 63 -20.24 -3.80 15.20
N ALA E 64 -20.19 -2.77 14.35
CA ALA E 64 -20.18 -2.95 12.90
C ALA E 64 -18.80 -3.44 12.49
N PRO E 65 -18.75 -4.40 11.57
CA PRO E 65 -17.45 -4.97 11.18
C PRO E 65 -16.70 -4.17 10.16
N SER E 66 -15.35 -4.22 10.26
CA SER E 66 -14.49 -3.66 9.22
C SER E 66 -14.67 -4.55 7.94
N ALA E 67 -14.19 -4.11 6.78
CA ALA E 67 -14.32 -4.88 5.53
C ALA E 67 -13.62 -6.22 5.65
N SER E 68 -12.47 -6.24 6.33
CA SER E 68 -11.68 -7.46 6.55
C SER E 68 -12.45 -8.42 7.41
N ALA E 69 -13.04 -7.96 8.53
CA ALA E 69 -13.86 -8.83 9.37
C ALA E 69 -15.12 -9.27 8.72
N PHE E 70 -15.77 -8.40 7.92
CA PHE E 70 -16.99 -8.80 7.21
C PHE E 70 -16.72 -10.02 6.32
N PHE E 71 -15.65 -9.97 5.50
CA PHE E 71 -15.30 -11.09 4.63
C PHE E 71 -14.59 -12.25 5.38
N GLY E 72 -14.07 -12.00 6.58
CA GLY E 72 -13.38 -12.99 7.39
C GLY E 72 -14.28 -13.82 8.29
N MET E 73 -15.26 -13.17 8.94
CA MET E 73 -16.17 -13.82 9.87
C MET E 73 -17.39 -14.48 9.23
N SER E 74 -17.97 -13.83 8.22
CA SER E 74 -19.24 -14.22 7.59
C SER E 74 -19.23 -15.42 6.66
N ARG E 75 -20.43 -16.02 6.51
CA ARG E 75 -20.71 -17.07 5.55
C ARG E 75 -21.18 -16.26 4.36
N ILE E 76 -20.38 -16.25 3.30
CA ILE E 76 -20.66 -15.52 2.09
C ILE E 76 -21.18 -16.48 1.03
N GLY E 77 -22.16 -16.03 0.29
CA GLY E 77 -22.71 -16.81 -0.81
C GLY E 77 -23.03 -15.92 -1.99
N MET E 78 -23.23 -16.52 -3.16
CA MET E 78 -23.58 -15.78 -4.35
C MET E 78 -24.77 -16.48 -5.00
N GLU E 79 -25.84 -15.73 -5.28
CA GLU E 79 -27.05 -16.26 -5.91
C GLU E 79 -27.33 -15.49 -7.18
N VAL E 80 -27.65 -16.19 -8.28
CA VAL E 80 -28.03 -15.53 -9.52
C VAL E 80 -29.49 -15.81 -9.68
N THR E 81 -30.32 -14.77 -9.60
CA THR E 81 -31.78 -14.92 -9.63
C THR E 81 -32.43 -13.98 -10.66
N PRO E 82 -33.77 -14.05 -10.83
CA PRO E 82 -34.41 -13.15 -11.81
C PRO E 82 -34.33 -11.68 -11.44
N SER E 83 -34.04 -11.36 -10.16
CA SER E 83 -33.86 -9.95 -9.75
C SER E 83 -32.41 -9.44 -9.90
N GLY E 84 -31.46 -10.35 -10.13
CA GLY E 84 -30.06 -9.98 -10.30
C GLY E 84 -29.10 -10.97 -9.67
N THR E 85 -27.86 -10.54 -9.42
CA THR E 85 -26.82 -11.34 -8.77
C THR E 85 -26.62 -10.74 -7.39
N TRP E 86 -26.70 -11.58 -6.35
CA TRP E 86 -26.65 -11.11 -4.98
C TRP E 86 -25.53 -11.80 -4.20
N LEU E 87 -24.95 -11.07 -3.25
CA LEU E 87 -23.93 -11.58 -2.35
C LEU E 87 -24.63 -11.69 -1.01
N THR E 88 -24.87 -12.91 -0.55
CA THR E 88 -25.51 -13.14 0.73
C THR E 88 -24.49 -13.21 1.85
N TYR E 89 -24.93 -12.88 3.06
CA TYR E 89 -24.05 -12.92 4.22
C TYR E 89 -24.82 -13.21 5.48
N THR E 90 -24.19 -14.01 6.35
CA THR E 90 -24.72 -14.37 7.68
CA THR E 90 -24.73 -14.40 7.64
C THR E 90 -23.54 -14.49 8.61
N GLY E 91 -23.76 -14.17 9.87
CA GLY E 91 -22.73 -14.28 10.88
C GLY E 91 -23.19 -13.80 12.23
N ALA E 92 -22.27 -13.76 13.18
CA ALA E 92 -22.52 -13.29 14.53
C ALA E 92 -21.24 -12.66 15.09
N ILE E 93 -21.40 -11.64 15.93
CA ILE E 93 -20.33 -10.88 16.55
C ILE E 93 -20.49 -11.00 18.07
N LYS E 94 -19.49 -11.55 18.74
CA LYS E 94 -19.55 -11.78 20.18
C LYS E 94 -19.36 -10.49 20.99
N LEU E 95 -20.32 -10.21 21.89
CA LEU E 95 -20.20 -9.07 22.78
C LEU E 95 -19.29 -9.49 23.91
N ASP E 96 -18.53 -8.53 24.43
CA ASP E 96 -17.65 -8.79 25.55
C ASP E 96 -18.46 -8.65 26.83
N ASP E 97 -18.84 -9.78 27.45
CA ASP E 97 -19.62 -9.72 28.70
C ASP E 97 -18.79 -9.28 29.91
N LYS E 98 -17.45 -9.16 29.77
CA LYS E 98 -16.62 -8.63 30.84
C LYS E 98 -16.49 -7.10 30.78
N ASP E 99 -16.93 -6.45 29.69
CA ASP E 99 -16.88 -4.99 29.59
C ASP E 99 -17.88 -4.42 30.60
N PRO E 100 -17.47 -3.44 31.43
CA PRO E 100 -18.43 -2.84 32.38
C PRO E 100 -19.64 -2.19 31.68
N ASN E 101 -19.49 -1.78 30.42
CA ASN E 101 -20.57 -1.19 29.63
C ASN E 101 -21.46 -2.23 28.94
N PHE E 102 -21.23 -3.53 29.17
CA PHE E 102 -21.97 -4.63 28.56
C PHE E 102 -23.48 -4.54 28.72
N LYS E 103 -23.99 -4.38 29.96
CA LYS E 103 -25.44 -4.31 30.16
C LYS E 103 -26.09 -3.17 29.34
N ASP E 104 -25.43 -2.01 29.25
CA ASP E 104 -25.97 -0.90 28.46
C ASP E 104 -25.91 -1.17 26.97
N GLN E 105 -24.91 -1.94 26.52
CA GLN E 105 -24.73 -2.36 25.14
C GLN E 105 -25.87 -3.30 24.74
N VAL E 106 -26.23 -4.23 25.64
CA VAL E 106 -27.35 -5.15 25.42
C VAL E 106 -28.66 -4.34 25.35
N ILE E 107 -28.83 -3.39 26.26
CA ILE E 107 -30.01 -2.55 26.31
C ILE E 107 -30.15 -1.68 25.07
N LEU E 108 -29.05 -1.05 24.60
CA LEU E 108 -29.12 -0.20 23.43
C LEU E 108 -29.42 -1.01 22.16
N LEU E 109 -28.92 -2.24 22.08
CA LEU E 109 -29.16 -3.10 20.92
C LEU E 109 -30.59 -3.61 20.93
N ASN E 110 -31.10 -4.01 22.10
CA ASN E 110 -32.49 -4.45 22.24
C ASN E 110 -33.48 -3.33 21.92
N LYS E 111 -33.11 -2.08 22.20
CA LYS E 111 -33.94 -0.91 21.93
C LYS E 111 -34.22 -0.73 20.44
N HIS E 112 -33.24 -1.04 19.59
CA HIS E 112 -33.40 -0.82 18.16
C HIS E 112 -33.84 -2.09 17.41
N ILE E 113 -33.54 -3.30 17.91
CA ILE E 113 -33.93 -4.53 17.22
C ILE E 113 -35.45 -4.68 17.22
N ASP E 114 -36.05 -4.72 16.01
CA ASP E 114 -37.50 -4.87 15.83
C ASP E 114 -38.34 -3.75 16.46
N ALA E 115 -37.76 -2.57 16.65
CA ALA E 115 -38.49 -1.44 17.22
C ALA E 115 -39.67 -1.02 16.32
N TYR E 116 -39.51 -1.19 15.00
CA TYR E 116 -40.52 -0.82 14.00
C TYR E 116 -41.88 -1.47 14.26
N LYS E 117 -41.89 -2.65 14.89
CA LYS E 117 -43.12 -3.36 15.25
C LYS E 117 -44.03 -2.52 16.13
N THR E 118 -43.47 -1.55 16.88
CA THR E 118 -44.25 -0.75 17.84
C THR E 118 -44.75 0.58 17.27
N PHE E 119 -44.55 0.85 15.98
CA PHE E 119 -45.03 2.08 15.36
C PHE E 119 -45.37 1.85 13.90
N PRO E 120 -46.27 2.65 13.29
CA PRO E 120 -46.53 2.48 11.86
C PRO E 120 -45.24 2.66 11.02
N LYS F 13 -8.14 -4.90 20.12
CA LYS F 13 -9.23 -4.84 19.13
C LYS F 13 -10.21 -6.00 19.19
N PRO F 14 -11.52 -5.72 19.31
CA PRO F 14 -12.53 -6.78 19.21
C PRO F 14 -12.52 -7.44 17.83
N ARG F 15 -12.93 -8.70 17.73
CA ARG F 15 -12.90 -9.45 16.46
C ARG F 15 -13.44 -8.72 15.23
N GLN F 16 -14.62 -8.09 15.36
CA GLN F 16 -15.26 -7.36 14.26
C GLN F 16 -14.46 -6.15 13.79
N LYS F 17 -13.55 -5.64 14.60
CA LYS F 17 -12.73 -4.47 14.22
C LYS F 17 -11.33 -4.85 13.70
N ARG F 18 -11.03 -6.15 13.58
CA ARG F 18 -9.71 -6.57 13.14
C ARG F 18 -9.44 -6.36 11.66
N THR F 19 -8.17 -6.29 11.29
CA THR F 19 -7.73 -6.12 9.91
C THR F 19 -6.74 -7.23 9.64
N ALA F 20 -7.09 -8.19 8.76
CA ALA F 20 -6.16 -9.25 8.42
C ALA F 20 -5.10 -8.68 7.49
N THR F 21 -3.84 -9.08 7.70
CA THR F 21 -2.66 -8.66 6.92
C THR F 21 -1.71 -9.90 6.80
N LYS F 22 -0.53 -9.76 6.16
CA LYS F 22 0.43 -10.87 6.11
C LYS F 22 0.95 -11.21 7.53
N ALA F 23 1.04 -10.21 8.42
CA ALA F 23 1.49 -10.40 9.80
C ALA F 23 0.39 -10.90 10.76
N TYR F 24 -0.86 -10.97 10.30
CA TYR F 24 -1.98 -11.38 11.12
C TYR F 24 -3.01 -11.81 10.11
N ASN F 25 -2.81 -12.98 9.53
CA ASN F 25 -3.60 -13.46 8.40
C ASN F 25 -5.06 -13.79 8.74
N VAL F 26 -5.86 -14.14 7.73
CA VAL F 26 -7.27 -14.41 7.91
C VAL F 26 -7.52 -15.54 8.90
N THR F 27 -6.69 -16.60 8.86
CA THR F 27 -6.80 -17.70 9.81
C THR F 27 -6.52 -17.21 11.24
N GLN F 28 -5.49 -16.38 11.40
CA GLN F 28 -5.14 -15.85 12.71
C GLN F 28 -6.22 -14.90 13.26
N ALA F 29 -6.70 -13.98 12.41
CA ALA F 29 -7.69 -13.00 12.86
C ALA F 29 -9.13 -13.54 12.99
N PHE F 30 -9.56 -14.43 12.08
CA PHE F 30 -10.95 -14.88 12.00
C PHE F 30 -11.17 -16.37 11.95
N GLY F 31 -10.17 -17.16 12.35
CA GLY F 31 -10.32 -18.61 12.37
C GLY F 31 -10.13 -19.28 11.03
N ARG F 32 -10.07 -20.59 11.06
CA ARG F 32 -9.92 -21.40 9.84
C ARG F 32 -11.22 -21.38 9.03
N ARG F 33 -11.11 -21.39 7.70
CA ARG F 33 -12.23 -21.49 6.78
C ARG F 33 -12.80 -22.91 6.91
N GLY F 34 -14.12 -23.04 6.84
CA GLY F 34 -14.75 -24.33 6.98
C GLY F 34 -16.22 -24.34 6.63
N PRO F 35 -16.83 -25.54 6.73
CA PRO F 35 -18.25 -25.67 6.38
C PRO F 35 -19.25 -25.27 7.45
N GLU F 36 -18.82 -25.18 8.71
CA GLU F 36 -19.73 -24.85 9.80
C GLU F 36 -20.20 -23.40 9.76
N GLN F 37 -21.47 -23.16 10.14
CA GLN F 37 -22.07 -21.82 10.14
C GLN F 37 -21.38 -20.83 11.07
N THR F 38 -20.69 -21.34 12.10
CA THR F 38 -19.91 -20.53 13.02
C THR F 38 -18.56 -20.08 12.42
N GLN F 39 -18.11 -20.74 11.35
CA GLN F 39 -16.85 -20.46 10.69
C GLN F 39 -17.03 -19.62 9.44
N GLY F 40 -15.99 -18.87 9.08
CA GLY F 40 -15.99 -18.14 7.81
C GLY F 40 -15.72 -19.10 6.68
N ASN F 41 -16.17 -18.78 5.46
CA ASN F 41 -15.93 -19.64 4.29
C ASN F 41 -15.27 -18.93 3.13
N PHE F 42 -14.96 -17.65 3.28
CA PHE F 42 -14.45 -16.82 2.22
C PHE F 42 -12.96 -16.67 2.25
N GLY F 43 -12.37 -16.81 1.07
CA GLY F 43 -10.95 -16.59 0.86
C GLY F 43 -10.22 -17.81 0.35
N ASP F 44 -9.46 -17.62 -0.74
CA ASP F 44 -8.57 -18.61 -1.33
C ASP F 44 -7.23 -18.53 -0.57
N GLN F 45 -6.26 -19.39 -0.91
CA GLN F 45 -4.98 -19.38 -0.20
C GLN F 45 -4.27 -18.04 -0.21
N GLU F 46 -4.38 -17.27 -1.32
CA GLU F 46 -3.69 -15.99 -1.40
C GLU F 46 -4.33 -14.88 -0.57
N LEU F 47 -5.67 -14.84 -0.48
CA LEU F 47 -6.34 -13.83 0.35
C LEU F 47 -6.13 -14.17 1.84
N ILE F 48 -6.20 -15.46 2.18
CA ILE F 48 -6.01 -15.91 3.56
C ILE F 48 -4.61 -15.51 4.07
N ARG F 49 -3.58 -15.62 3.21
CA ARG F 49 -2.20 -15.31 3.55
C ARG F 49 -1.93 -13.84 3.71
N GLN F 50 -2.54 -13.03 2.84
CA GLN F 50 -2.25 -11.62 2.73
C GLN F 50 -3.23 -10.65 3.37
N GLY F 51 -4.49 -11.02 3.45
CA GLY F 51 -5.52 -10.16 4.02
C GLY F 51 -5.68 -8.89 3.21
N THR F 52 -5.59 -7.72 3.86
CA THR F 52 -5.70 -6.45 3.17
C THR F 52 -4.49 -6.09 2.31
N ASP F 53 -3.42 -6.92 2.33
CA ASP F 53 -2.26 -6.75 1.44
C ASP F 53 -2.52 -7.39 0.05
N TYR F 54 -3.56 -8.25 -0.06
CA TYR F 54 -3.97 -8.95 -1.30
C TYR F 54 -4.19 -7.93 -2.42
N LYS F 55 -3.56 -8.16 -3.59
CA LYS F 55 -3.57 -7.20 -4.70
C LYS F 55 -4.97 -6.79 -5.16
N HIS F 56 -5.97 -7.66 -4.97
CA HIS F 56 -7.34 -7.33 -5.36
C HIS F 56 -8.26 -7.05 -4.17
N TRP F 57 -7.70 -6.76 -2.98
CA TRP F 57 -8.49 -6.44 -1.79
C TRP F 57 -9.51 -5.32 -2.03
N PRO F 58 -9.15 -4.16 -2.65
CA PRO F 58 -10.19 -3.13 -2.93
C PRO F 58 -11.41 -3.64 -3.70
N GLN F 59 -11.23 -4.59 -4.66
CA GLN F 59 -12.38 -5.13 -5.41
C GLN F 59 -13.28 -6.01 -4.54
N ILE F 60 -12.76 -6.59 -3.45
CA ILE F 60 -13.52 -7.39 -2.52
C ILE F 60 -14.25 -6.44 -1.55
N ALA F 61 -13.48 -5.51 -0.91
CA ALA F 61 -13.93 -4.53 0.07
C ALA F 61 -15.09 -3.65 -0.41
N GLN F 62 -15.21 -3.42 -1.72
CA GLN F 62 -16.30 -2.64 -2.30
C GLN F 62 -17.69 -3.25 -2.00
N PHE F 63 -17.75 -4.55 -1.70
CA PHE F 63 -19.00 -5.21 -1.37
C PHE F 63 -19.32 -5.20 0.12
N ALA F 64 -18.31 -4.90 1.00
CA ALA F 64 -18.52 -4.88 2.45
C ALA F 64 -19.30 -3.63 2.85
N PRO F 65 -20.19 -3.74 3.83
CA PRO F 65 -21.03 -2.59 4.18
C PRO F 65 -20.36 -1.58 5.09
N SER F 66 -20.75 -0.30 4.94
CA SER F 66 -20.32 0.75 5.86
C SER F 66 -21.03 0.45 7.20
N ALA F 67 -20.65 1.10 8.31
CA ALA F 67 -21.34 0.85 9.60
C ALA F 67 -22.83 1.19 9.49
N SER F 68 -23.15 2.27 8.77
CA SER F 68 -24.52 2.69 8.59
C SER F 68 -25.33 1.65 7.79
N ALA F 69 -24.76 1.18 6.67
CA ALA F 69 -25.42 0.16 5.86
C ALA F 69 -25.49 -1.17 6.54
N PHE F 70 -24.50 -1.51 7.37
CA PHE F 70 -24.51 -2.79 8.09
C PHE F 70 -25.71 -2.85 9.02
N PHE F 71 -25.93 -1.78 9.79
CA PHE F 71 -27.07 -1.71 10.69
C PHE F 71 -28.38 -1.31 10.00
N GLY F 72 -28.30 -0.71 8.81
CA GLY F 72 -29.48 -0.30 8.07
C GLY F 72 -30.05 -1.35 7.15
N MET F 73 -29.19 -2.14 6.50
CA MET F 73 -29.65 -3.17 5.55
C MET F 73 -29.90 -4.52 6.19
N SER F 74 -29.10 -4.86 7.21
CA SER F 74 -29.16 -6.19 7.80
C SER F 74 -30.33 -6.50 8.73
N ARG F 75 -30.61 -7.79 8.87
CA ARG F 75 -31.54 -8.31 9.83
C ARG F 75 -30.64 -8.58 11.03
N ILE F 76 -30.82 -7.82 12.10
CA ILE F 76 -30.05 -7.90 13.33
C ILE F 76 -30.82 -8.63 14.46
N GLY F 77 -30.09 -9.44 15.20
CA GLY F 77 -30.67 -10.14 16.33
C GLY F 77 -29.70 -10.18 17.49
N MET F 78 -30.17 -10.69 18.61
CA MET F 78 -29.30 -10.86 19.78
C MET F 78 -29.60 -12.19 20.44
N GLU F 79 -28.60 -13.05 20.51
CA GLU F 79 -28.78 -14.38 21.09
C GLU F 79 -27.85 -14.62 22.26
N VAL F 80 -28.34 -15.31 23.28
CA VAL F 80 -27.52 -15.68 24.42
C VAL F 80 -27.32 -17.19 24.35
N THR F 81 -26.08 -17.61 24.08
CA THR F 81 -25.69 -19.01 23.93
C THR F 81 -24.65 -19.38 25.02
N PRO F 82 -24.26 -20.66 25.13
CA PRO F 82 -23.25 -21.05 26.14
C PRO F 82 -21.90 -20.33 26.00
N SER F 83 -21.53 -19.97 24.77
CA SER F 83 -20.29 -19.23 24.51
C SER F 83 -20.42 -17.71 24.77
N GLY F 84 -21.56 -17.22 25.23
CA GLY F 84 -21.75 -15.80 25.51
C GLY F 84 -22.93 -15.15 24.78
N THR F 85 -22.92 -13.80 24.68
CA THR F 85 -23.98 -13.03 24.00
C THR F 85 -23.50 -12.61 22.61
N TRP F 86 -24.33 -12.85 21.60
CA TRP F 86 -23.94 -12.62 20.22
C TRP F 86 -24.92 -11.73 19.50
N LEU F 87 -24.38 -10.86 18.65
CA LEU F 87 -25.18 -9.97 17.82
C LEU F 87 -25.21 -10.68 16.49
N THR F 88 -26.35 -11.24 16.08
CA THR F 88 -26.44 -11.91 14.79
C THR F 88 -26.81 -10.93 13.68
N TYR F 89 -26.36 -11.24 12.47
CA TYR F 89 -26.64 -10.42 11.31
C TYR F 89 -26.80 -11.30 10.07
N THR F 90 -27.76 -10.94 9.20
CA THR F 90 -28.03 -11.63 7.94
CA THR F 90 -27.99 -11.62 7.94
C THR F 90 -28.46 -10.60 6.90
N GLY F 91 -28.16 -10.85 5.63
CA GLY F 91 -28.57 -9.93 4.57
C GLY F 91 -28.10 -10.37 3.20
N ALA F 92 -28.31 -9.49 2.22
CA ALA F 92 -27.89 -9.74 0.85
C ALA F 92 -27.63 -8.40 0.18
N ILE F 93 -26.55 -8.34 -0.58
CA ILE F 93 -26.18 -7.13 -1.29
C ILE F 93 -26.27 -7.40 -2.80
N LYS F 94 -27.02 -6.55 -3.53
CA LYS F 94 -27.17 -6.73 -4.95
C LYS F 94 -26.00 -6.14 -5.75
N LEU F 95 -25.41 -6.94 -6.63
CA LEU F 95 -24.35 -6.47 -7.53
C LEU F 95 -25.02 -5.63 -8.60
N ASP F 96 -24.29 -4.67 -9.16
CA ASP F 96 -24.82 -3.80 -10.18
C ASP F 96 -24.46 -4.37 -11.57
N ASP F 97 -25.50 -4.78 -12.33
CA ASP F 97 -25.36 -5.35 -13.67
C ASP F 97 -24.84 -4.32 -14.68
N LYS F 98 -25.11 -3.02 -14.45
CA LYS F 98 -24.62 -1.94 -15.31
C LYS F 98 -23.15 -1.58 -15.08
N ASP F 99 -22.49 -2.19 -14.08
CA ASP F 99 -21.10 -1.90 -13.79
C ASP F 99 -20.27 -2.61 -14.85
N PRO F 100 -19.42 -1.88 -15.57
CA PRO F 100 -18.55 -2.54 -16.58
C PRO F 100 -17.61 -3.61 -16.02
N ASN F 101 -17.40 -3.62 -14.68
CA ASN F 101 -16.54 -4.59 -14.01
C ASN F 101 -17.31 -5.80 -13.45
N PHE F 102 -18.63 -5.88 -13.67
CA PHE F 102 -19.47 -6.97 -13.19
C PHE F 102 -18.91 -8.38 -13.43
N LYS F 103 -18.51 -8.70 -14.68
CA LYS F 103 -18.04 -10.05 -14.97
C LYS F 103 -16.74 -10.37 -14.21
N ASP F 104 -15.89 -9.35 -13.98
CA ASP F 104 -14.67 -9.52 -13.19
C ASP F 104 -15.00 -9.73 -11.73
N GLN F 105 -16.01 -9.01 -11.21
CA GLN F 105 -16.48 -9.17 -9.83
C GLN F 105 -17.00 -10.59 -9.61
N VAL F 106 -17.77 -11.14 -10.57
CA VAL F 106 -18.26 -12.52 -10.46
C VAL F 106 -17.09 -13.51 -10.40
N ILE F 107 -16.11 -13.39 -11.32
CA ILE F 107 -14.93 -14.28 -11.28
C ILE F 107 -14.19 -14.17 -9.93
N LEU F 108 -13.97 -12.93 -9.45
CA LEU F 108 -13.27 -12.72 -8.20
C LEU F 108 -14.01 -13.35 -7.01
N LEU F 109 -15.31 -13.07 -6.87
CA LEU F 109 -16.08 -13.65 -5.76
C LEU F 109 -16.17 -15.19 -5.85
N ASN F 110 -16.24 -15.75 -7.07
CA ASN F 110 -16.32 -17.21 -7.27
C ASN F 110 -15.02 -17.93 -6.86
N LYS F 111 -13.90 -17.25 -7.07
CA LYS F 111 -12.55 -17.67 -6.73
C LYS F 111 -12.38 -17.83 -5.20
N HIS F 112 -13.03 -16.95 -4.40
CA HIS F 112 -12.85 -17.01 -2.94
C HIS F 112 -13.97 -17.69 -2.15
N ILE F 113 -15.23 -17.70 -2.62
CA ILE F 113 -16.32 -18.35 -1.89
C ILE F 113 -16.12 -19.86 -1.88
N ASP F 114 -16.01 -20.44 -0.66
CA ASP F 114 -15.77 -21.88 -0.43
C ASP F 114 -14.49 -22.39 -1.08
N ALA F 115 -13.48 -21.53 -1.22
CA ALA F 115 -12.21 -21.92 -1.85
C ALA F 115 -11.44 -22.98 -1.04
N TYR F 116 -11.63 -22.99 0.30
CA TYR F 116 -10.99 -23.93 1.20
C TYR F 116 -11.22 -25.40 0.82
N LYS F 117 -12.32 -25.70 0.08
CA LYS F 117 -12.63 -27.07 -0.32
C LYS F 117 -11.56 -27.68 -1.24
N THR F 118 -10.81 -26.86 -1.99
CA THR F 118 -9.76 -27.36 -2.86
C THR F 118 -8.35 -27.28 -2.26
N PHE F 119 -8.22 -26.86 -0.99
CA PHE F 119 -6.89 -26.74 -0.35
C PHE F 119 -6.24 -28.12 -0.13
S SCN G . -6.28 2.94 -7.55
C SCN G . -5.20 1.61 -8.18
N SCN G . -4.56 0.78 -8.54
P 5GP H . 8.66 -1.25 -10.42
O1P 5GP H . 8.06 -2.67 -10.46
O2P 5GP H . 7.52 -0.22 -10.59
O3P 5GP H . 9.81 -1.05 -11.37
O5' 5GP H . 9.25 -1.04 -8.92
C5' 5GP H . 10.63 -0.68 -8.66
C4' 5GP H . 10.69 0.22 -7.46
O4' 5GP H . 10.33 1.58 -7.83
C3' 5GP H . 9.78 -0.15 -6.27
O3' 5GP H . 10.47 0.10 -5.05
C2' 5GP H . 8.60 0.81 -6.44
O2' 5GP H . 7.88 1.05 -5.23
C1' 5GP H . 9.34 2.06 -6.94
N9 5GP H . 8.49 3.02 -7.67
C8 5GP H . 7.77 2.79 -8.80
N7 5GP H . 7.17 3.86 -9.27
C5 5GP H . 7.52 4.86 -8.37
C6 5GP H . 7.20 6.25 -8.35
O6 5GP H . 6.52 6.88 -9.18
N1 5GP H . 7.74 6.89 -7.24
C2 5GP H . 8.51 6.28 -6.29
N2 5GP H . 8.94 7.06 -5.29
N3 5GP H . 8.85 5.00 -6.32
C4 5GP H . 8.33 4.35 -7.38
P 5GP I . -4.94 38.07 -8.89
O1P 5GP I . -5.71 37.31 -9.94
O2P 5GP I . -5.76 39.19 -8.22
O3P 5GP I . -4.34 37.16 -7.79
O5' 5GP I . -3.72 38.79 -9.66
C5' 5GP I . -2.44 39.09 -9.04
C4' 5GP I . -1.37 38.23 -9.67
O4' 5GP I . -1.35 36.94 -9.02
C3' 5GP I . -1.55 37.96 -11.17
O3' 5GP I . -0.61 38.70 -11.95
C2' 5GP I . -1.42 36.43 -11.30
O2' 5GP I . -0.58 36.00 -12.36
C1' 5GP I . -0.83 36.02 -9.95
N9 5GP I . -1.21 34.66 -9.52
C8 5GP I . -2.32 34.30 -8.83
N7 5GP I . -2.32 33.03 -8.48
C5 5GP I . -1.14 32.54 -8.99
C6 5GP I . -0.55 31.23 -8.91
O6 5GP I . -1.01 30.22 -8.37
N1 5GP I . 0.68 31.17 -9.57
C2 5GP I . 1.27 32.22 -10.22
N2 5GP I . 2.46 32.00 -10.77
N3 5GP I . 0.74 33.44 -10.29
C4 5GP I . -0.44 33.53 -9.65
K K J . -7.64 19.32 -17.31
K K K . -11.40 24.41 5.20
K K L . 4.60 6.30 6.98
K K M . 19.37 13.12 -15.10
K K N . -8.12 11.37 -6.40
CL CL O . -3.19 10.81 -28.48
CL CL P . 7.84 16.37 -33.54
CL CL Q . -10.78 27.28 -16.97
N9 GUN R . 5.31 -12.73 8.61
C8 GUN R . 6.11 -12.51 9.68
N7 GUN R . 7.37 -12.23 9.36
C5 GUN R . 7.36 -12.28 7.98
C6 GUN R . 8.42 -12.07 7.00
O6 GUN R . 9.58 -11.71 7.21
N1 GUN R . 7.98 -12.27 5.69
C2 GUN R . 6.69 -12.61 5.34
N2 GUN R . 6.43 -12.69 4.04
N3 GUN R . 5.72 -12.80 6.22
C4 GUN R . 6.11 -12.62 7.51
P 5GP S . 36.83 -8.33 -8.81
O1P 5GP S . 36.18 -9.15 -9.97
O2P 5GP S . 38.18 -7.75 -9.29
O3P 5GP S . 36.93 -9.07 -7.50
O5' 5GP S . 35.87 -7.07 -8.54
C5' 5GP S . 35.77 -6.00 -9.52
C4' 5GP S . 34.50 -5.26 -9.22
O4' 5GP S . 33.36 -6.09 -9.52
C3' 5GP S . 34.33 -4.89 -7.75
O3' 5GP S . 34.98 -3.65 -7.47
C2' 5GP S . 32.81 -4.80 -7.61
O2' 5GP S . 32.31 -3.51 -7.97
C1' 5GP S . 32.33 -5.88 -8.59
N9 5GP S . 32.03 -7.17 -7.94
C8 5GP S . 32.84 -8.28 -7.89
N7 5GP S . 32.28 -9.31 -7.31
C5 5GP S . 31.03 -8.86 -6.94
C6 5GP S . 29.96 -9.51 -6.23
O6 5GP S . 29.94 -10.66 -5.81
N1 5GP S . 28.88 -8.67 -6.03
C2 5GP S . 28.81 -7.37 -6.45
N2 5GP S . 27.68 -6.70 -6.16
N3 5GP S . 29.79 -6.74 -7.10
C4 5GP S . 30.85 -7.54 -7.31
K K T . 29.62 -10.56 9.59
CL CL U . 15.08 -21.97 13.76
CL CL V . 5.03 -28.64 5.43
CL CL W . 5.55 -17.71 11.52
CL CL X . 2.61 -19.78 3.07
CL CL Y . 27.17 -13.45 9.61
NA NA Z . 31.08 -25.99 -0.70
K K AA . 21.78 -21.26 8.20
K K BA . 18.98 -4.50 21.41
CL CL CA . 37.07 -10.70 5.46
CL CL DA . -24.19 8.07 1.24
CL CL EA . -33.98 14.90 14.22
O5' GMP FA . -34.01 -2.76 -10.04
C5' GMP FA . -33.62 -2.12 -8.83
C4' GMP FA . -34.25 -2.77 -7.62
O4' GMP FA . -33.21 -3.40 -6.81
C3' GMP FA . -34.99 -1.81 -6.68
O3' GMP FA . -36.25 -2.36 -6.30
C2' GMP FA . -34.00 -1.60 -5.52
O2' GMP FA . -34.64 -1.29 -4.29
C1' GMP FA . -33.34 -2.97 -5.46
N9 GMP FA . -31.99 -2.96 -4.85
C8 GMP FA . -30.81 -2.53 -5.39
N7 GMP FA . -29.77 -2.78 -4.64
C5 GMP FA . -30.29 -3.42 -3.53
C6 GMP FA . -29.64 -4.03 -2.39
O6 GMP FA . -28.44 -4.12 -2.16
N1 GMP FA . -30.56 -4.60 -1.51
C2 GMP FA . -31.93 -4.60 -1.70
N2 GMP FA . -32.66 -5.23 -0.77
N3 GMP FA . -32.53 -4.06 -2.76
C4 GMP FA . -31.67 -3.51 -3.63
K K GA . -21.04 4.79 8.11
CL CL HA . -6.19 -5.89 14.14
CL CL IA . -10.69 -1.92 4.15
NA NA JA . -12.98 -6.71 -10.12
#